data_5MFC
#
_entry.id   5MFC
#
_cell.length_a   81.110
_cell.length_b   124.240
_cell.length_c   245.330
_cell.angle_alpha   90.00
_cell.angle_beta   90.00
_cell.angle_gamma   90.00
#
_symmetry.space_group_name_H-M   'C 2 2 21'
#
loop_
_entity.id
_entity.type
_entity.pdbx_description
1 polymer YIIIM5AII
2 polymer '(KR)4-Green fluorescent protein,Green fluorescent protein'
3 non-polymer 'ACETATE ION'
4 water water
#
loop_
_entity_poly.entity_id
_entity_poly.type
_entity_poly.pdbx_seq_one_letter_code
_entity_poly.pdbx_strand_id
1 'polypeptide(L)'
;GPGSELPQMVQQLNSPDQQELQSALRKLSQIASGGNEQIQAVIDAGALPALVQLLSSPNEQILQEALWALSNIASGGNEQ
IQAVIDAGALPALVQLLSSPNEQILQEALWALSNIASGGNEQIQAVIDAGALPALVQLLSSPNEQILQEALWALSNIASG
GNEQIQAVIDAGALPALVQLLSSPNEQILQEALWALSNIASGGNEQIQAVIDAGALPALVQLLSSPNEQILQEALWALSN
IASGGNEQKQAVKEAGALEKLEQLQSHENEKIQKEAQEALEKLQSH
;
A,C
2 'polypeptide(L)'
;GPGSGSPKRKRKRKREGKLMSKGEELFTGVVPILVELDGDVNGHKFSVRGEGEGDATNGKLTLKFICTTGKLPVPWPTLV
TTL(CRO)VQCFSRYPDHMKRHDFFKSAMPEGYVQERTISFKDDGTYKTRAEVKFEGDTLVNRIELKGIDFKEDGNILGH
KLEYNFNSHNVYITADKQKNGIKANFKIRHNVEDGSVQLADHYQQNTPIGDGPVLLPDNHYLSTQSVLSKDPNEKRDHMV
LLEFVTAAGITHGMDELYK
;
B,D
#
loop_
_chem_comp.id
_chem_comp.type
_chem_comp.name
_chem_comp.formula
ACT non-polymer 'ACETATE ION' 'C2 H3 O2 -1'
#
# COMPACT_ATOMS: atom_id res chain seq x y z
N GLY A 1 -17.20 3.46 3.80
CA GLY A 1 -15.88 2.90 4.08
C GLY A 1 -15.49 2.88 5.55
N PRO A 2 -15.19 4.06 6.17
CA PRO A 2 -14.75 4.07 7.59
C PRO A 2 -15.86 4.25 8.66
N GLY A 3 -16.02 3.21 9.49
CA GLY A 3 -16.95 3.19 10.62
C GLY A 3 -16.31 3.70 11.90
N SER A 4 -17.13 3.88 12.96
CA SER A 4 -16.67 4.39 14.27
C SER A 4 -17.34 3.70 15.50
N GLU A 5 -17.86 2.48 15.31
CA GLU A 5 -18.50 1.66 16.36
C GLU A 5 -17.81 0.29 16.47
N LEU A 6 -16.50 0.28 16.16
CA LEU A 6 -15.60 -0.87 16.18
C LEU A 6 -15.36 -1.48 17.58
N PRO A 7 -15.21 -0.70 18.69
CA PRO A 7 -14.96 -1.35 19.99
C PRO A 7 -16.13 -2.19 20.51
N GLN A 8 -17.36 -1.78 20.14
CA GLN A 8 -18.60 -2.47 20.49
C GLN A 8 -18.72 -3.79 19.68
N MET A 9 -18.16 -3.83 18.47
CA MET A 9 -18.14 -5.00 17.61
C MET A 9 -17.24 -6.10 18.17
N VAL A 10 -16.05 -5.74 18.70
CA VAL A 10 -15.08 -6.67 19.30
C VAL A 10 -15.69 -7.28 20.58
N GLN A 11 -16.51 -6.48 21.31
CA GLN A 11 -17.24 -6.89 22.51
C GLN A 11 -18.36 -7.86 22.10
N GLN A 12 -18.96 -7.67 20.92
CA GLN A 12 -20.01 -8.53 20.38
C GLN A 12 -19.45 -9.84 19.78
N LEU A 13 -18.13 -9.89 19.51
CA LEU A 13 -17.44 -11.07 18.98
C LEU A 13 -17.39 -12.18 20.04
N ASN A 14 -17.46 -11.79 21.33
CA ASN A 14 -17.48 -12.74 22.44
C ASN A 14 -18.86 -12.79 23.10
N SER A 15 -19.92 -12.74 22.26
CA SER A 15 -21.32 -12.78 22.69
C SER A 15 -21.81 -14.23 22.72
N PRO A 16 -22.59 -14.63 23.77
CA PRO A 16 -23.06 -16.02 23.84
C PRO A 16 -24.10 -16.40 22.79
N ASP A 17 -24.82 -15.40 22.22
CA ASP A 17 -25.83 -15.61 21.18
C ASP A 17 -25.20 -15.50 19.77
N GLN A 18 -25.42 -16.56 18.96
CA GLN A 18 -24.88 -16.74 17.62
C GLN A 18 -25.19 -15.59 16.61
N GLN A 19 -26.39 -14.96 16.71
CA GLN A 19 -26.84 -13.92 15.78
C GLN A 19 -26.15 -12.59 15.99
N GLU A 20 -25.98 -12.16 17.24
CA GLU A 20 -25.31 -10.88 17.47
C GLU A 20 -23.78 -11.02 17.27
N LEU A 21 -23.27 -12.27 17.26
CA LEU A 21 -21.87 -12.58 17.01
C LEU A 21 -21.64 -12.53 15.50
N GLN A 22 -22.56 -13.13 14.73
CA GLN A 22 -22.48 -13.20 13.27
C GLN A 22 -22.58 -11.81 12.61
N SER A 23 -23.43 -10.92 13.17
CA SER A 23 -23.64 -9.55 12.70
C SER A 23 -22.37 -8.73 12.88
N ALA A 24 -21.79 -8.82 14.10
CA ALA A 24 -20.56 -8.14 14.46
C ALA A 24 -19.42 -8.66 13.59
N LEU A 25 -19.33 -10.00 13.38
CA LEU A 25 -18.33 -10.65 12.54
C LEU A 25 -18.45 -10.22 11.06
N ARG A 26 -19.70 -10.15 10.53
CA ARG A 26 -19.97 -9.75 9.14
C ARG A 26 -19.53 -8.34 8.83
N LYS A 27 -19.91 -7.39 9.71
CA LYS A 27 -19.57 -5.97 9.60
C LYS A 27 -18.07 -5.72 9.83
N LEU A 28 -17.47 -6.40 10.84
CA LEU A 28 -16.05 -6.29 11.16
C LEU A 28 -15.18 -6.84 10.00
N SER A 29 -15.60 -7.97 9.39
CA SER A 29 -14.90 -8.59 8.25
C SER A 29 -14.91 -7.69 7.01
N GLN A 30 -16.06 -7.08 6.67
CA GLN A 30 -16.16 -6.16 5.53
C GLN A 30 -15.18 -4.96 5.70
N ILE A 31 -14.91 -4.52 6.96
CA ILE A 31 -14.00 -3.41 7.29
C ILE A 31 -12.56 -3.83 7.01
N ALA A 32 -12.24 -5.13 7.26
CA ALA A 32 -10.92 -5.71 7.02
C ALA A 32 -10.67 -5.94 5.54
N SER A 33 -11.76 -5.91 4.71
CA SER A 33 -11.64 -6.09 3.26
C SER A 33 -11.11 -4.81 2.59
N GLY A 34 -11.24 -3.69 3.29
CA GLY A 34 -10.78 -2.38 2.83
C GLY A 34 -9.28 -2.16 2.86
N GLY A 35 -8.88 -0.88 2.85
CA GLY A 35 -7.48 -0.45 2.85
C GLY A 35 -6.69 -0.84 4.08
N ASN A 36 -5.36 -0.65 4.01
CA ASN A 36 -4.45 -0.94 5.11
C ASN A 36 -4.74 -0.07 6.34
N GLU A 37 -5.30 1.14 6.14
CA GLU A 37 -5.72 2.07 7.19
C GLU A 37 -6.89 1.47 7.99
N GLN A 38 -7.81 0.77 7.28
CA GLN A 38 -9.00 0.10 7.84
C GLN A 38 -8.59 -1.16 8.61
N ILE A 39 -7.59 -1.90 8.09
CA ILE A 39 -7.03 -3.09 8.73
C ILE A 39 -6.39 -2.68 10.09
N GLN A 40 -5.72 -1.50 10.18
CA GLN A 40 -5.15 -1.04 11.45
C GLN A 40 -6.23 -0.83 12.51
N ALA A 41 -7.31 -0.12 12.14
CA ALA A 41 -8.46 0.20 12.99
C ALA A 41 -9.11 -1.04 13.61
N VAL A 42 -9.09 -2.18 12.89
CA VAL A 42 -9.65 -3.42 13.42
C VAL A 42 -8.64 -4.07 14.39
N ILE A 43 -7.32 -3.98 14.10
CA ILE A 43 -6.22 -4.49 14.94
C ILE A 43 -6.18 -3.69 16.26
N ASP A 44 -6.15 -2.33 16.14
CA ASP A 44 -6.14 -1.37 17.25
C ASP A 44 -7.32 -1.53 18.21
N ALA A 45 -8.48 -2.00 17.70
CA ALA A 45 -9.68 -2.29 18.49
C ALA A 45 -9.57 -3.68 19.20
N GLY A 46 -8.55 -4.46 18.84
CA GLY A 46 -8.24 -5.78 19.41
C GLY A 46 -9.14 -6.92 18.97
N ALA A 47 -9.52 -6.94 17.68
CA ALA A 47 -10.41 -7.95 17.10
C ALA A 47 -9.71 -9.28 16.88
N LEU A 48 -8.37 -9.24 16.77
CA LEU A 48 -7.51 -10.35 16.43
C LEU A 48 -7.62 -11.56 17.36
N PRO A 49 -7.52 -11.46 18.70
CA PRO A 49 -7.65 -12.68 19.52
C PRO A 49 -9.02 -13.33 19.40
N ALA A 50 -10.09 -12.52 19.26
CA ALA A 50 -11.45 -13.03 19.11
C ALA A 50 -11.61 -13.79 17.77
N LEU A 51 -11.03 -13.25 16.67
CA LEU A 51 -11.03 -13.88 15.35
C LEU A 51 -10.20 -15.18 15.36
N VAL A 52 -9.08 -15.21 16.13
CA VAL A 52 -8.22 -16.39 16.25
C VAL A 52 -8.99 -17.50 16.98
N GLN A 53 -9.67 -17.15 18.10
CA GLN A 53 -10.50 -18.08 18.87
C GLN A 53 -11.64 -18.62 17.98
N LEU A 54 -12.14 -17.79 17.06
CA LEU A 54 -13.17 -18.20 16.11
C LEU A 54 -12.69 -19.18 15.05
N LEU A 55 -11.36 -19.44 14.94
CA LEU A 55 -10.85 -20.42 13.95
C LEU A 55 -11.05 -21.83 14.44
N SER A 56 -11.47 -21.98 15.70
CA SER A 56 -11.81 -23.26 16.35
C SER A 56 -13.33 -23.31 16.62
N SER A 57 -14.12 -22.59 15.81
CA SER A 57 -15.58 -22.55 15.97
C SER A 57 -16.22 -23.72 15.23
N PRO A 58 -17.20 -24.43 15.86
CA PRO A 58 -17.85 -25.54 15.17
C PRO A 58 -18.87 -25.10 14.09
N ASN A 59 -19.05 -23.77 13.89
CA ASN A 59 -19.92 -23.25 12.84
C ASN A 59 -19.05 -22.84 11.65
N GLU A 60 -19.35 -23.42 10.48
CA GLU A 60 -18.64 -23.19 9.22
C GLU A 60 -18.76 -21.78 8.71
N GLN A 61 -19.94 -21.14 8.87
CA GLN A 61 -20.19 -19.77 8.42
C GLN A 61 -19.46 -18.76 9.27
N ILE A 62 -19.23 -19.08 10.56
CA ILE A 62 -18.44 -18.24 11.47
C ILE A 62 -16.96 -18.45 11.10
N LEU A 63 -16.53 -19.73 11.05
CA LEU A 63 -15.18 -20.14 10.68
C LEU A 63 -14.74 -19.51 9.35
N GLN A 64 -15.60 -19.56 8.31
CA GLN A 64 -15.35 -19.02 6.97
C GLN A 64 -15.21 -17.52 6.94
N GLU A 65 -15.93 -16.80 7.82
CA GLU A 65 -15.87 -15.34 7.90
C GLU A 65 -14.69 -14.88 8.69
N ALA A 66 -14.40 -15.58 9.80
CA ALA A 66 -13.25 -15.30 10.65
C ALA A 66 -11.97 -15.40 9.80
N LEU A 67 -11.85 -16.53 9.09
CA LEU A 67 -10.78 -16.95 8.18
C LEU A 67 -10.58 -16.01 6.99
N TRP A 68 -11.69 -15.47 6.43
CA TRP A 68 -11.68 -14.55 5.30
C TRP A 68 -11.18 -13.20 5.76
N ALA A 69 -11.62 -12.77 6.95
CA ALA A 69 -11.25 -11.52 7.56
C ALA A 69 -9.76 -11.54 7.85
N LEU A 70 -9.28 -12.63 8.48
CA LEU A 70 -7.87 -12.83 8.81
C LEU A 70 -6.95 -12.89 7.60
N SER A 71 -7.40 -13.43 6.44
CA SER A 71 -6.56 -13.49 5.22
C SER A 71 -6.44 -12.10 4.59
N ASN A 72 -7.48 -11.26 4.76
CA ASN A 72 -7.44 -9.89 4.26
C ASN A 72 -6.54 -9.10 5.18
N ILE A 73 -6.57 -9.36 6.51
CA ILE A 73 -5.64 -8.66 7.41
C ILE A 73 -4.19 -8.96 6.98
N ALA A 74 -3.84 -10.26 6.77
CA ALA A 74 -2.54 -10.72 6.27
C ALA A 74 -2.23 -10.19 4.85
N SER A 75 -3.24 -9.60 4.13
CA SER A 75 -2.96 -8.98 2.83
C SER A 75 -2.51 -7.51 3.03
N GLY A 76 -2.33 -7.09 4.29
CA GLY A 76 -1.86 -5.77 4.63
C GLY A 76 -0.33 -5.73 4.73
N GLY A 77 0.19 -4.70 5.41
CA GLY A 77 1.62 -4.54 5.64
C GLY A 77 2.26 -5.63 6.49
N ASN A 78 3.61 -5.62 6.60
CA ASN A 78 4.40 -6.61 7.37
C ASN A 78 4.16 -6.55 8.88
N GLU A 79 3.77 -5.40 9.41
N GLU A 79 3.77 -5.37 9.38
CA GLU A 79 3.46 -5.33 10.84
CA GLU A 79 3.41 -5.10 10.77
C GLU A 79 2.03 -5.84 11.11
C GLU A 79 2.03 -5.71 11.09
N GLN A 80 1.19 -5.86 10.05
CA GLN A 80 -0.17 -6.39 10.14
C GLN A 80 -0.13 -7.88 9.97
N ILE A 81 0.88 -8.41 9.24
CA ILE A 81 1.07 -9.86 9.11
C ILE A 81 1.56 -10.35 10.48
N GLN A 82 2.47 -9.55 11.12
CA GLN A 82 3.02 -9.83 12.45
C GLN A 82 1.96 -9.90 13.53
N ALA A 83 0.99 -8.97 13.52
CA ALA A 83 -0.13 -8.90 14.44
C ALA A 83 -0.96 -10.21 14.44
N VAL A 84 -1.11 -10.85 13.25
CA VAL A 84 -1.83 -12.10 12.99
C VAL A 84 -1.04 -13.25 13.61
N ILE A 85 0.29 -13.25 13.38
CA ILE A 85 1.23 -14.26 13.90
C ILE A 85 1.21 -14.21 15.44
N ASP A 86 1.40 -13.01 15.98
CA ASP A 86 1.42 -12.70 17.40
C ASP A 86 0.11 -13.02 18.11
N ALA A 87 -1.01 -12.92 17.40
CA ALA A 87 -2.33 -13.24 17.94
C ALA A 87 -2.52 -14.78 18.09
N GLY A 88 -1.57 -15.54 17.54
CA GLY A 88 -1.52 -17.00 17.57
C GLY A 88 -2.37 -17.68 16.52
N ALA A 89 -2.62 -17.00 15.36
CA ALA A 89 -3.47 -17.56 14.31
C ALA A 89 -2.86 -18.71 13.52
N LEU A 90 -1.51 -18.81 13.48
CA LEU A 90 -0.77 -19.78 12.69
C LEU A 90 -1.07 -21.27 13.03
N PRO A 91 -1.04 -21.73 14.31
CA PRO A 91 -1.38 -23.14 14.57
C PRO A 91 -2.80 -23.50 14.16
N ALA A 92 -3.76 -22.58 14.37
CA ALA A 92 -5.16 -22.81 13.94
C ALA A 92 -5.27 -22.89 12.40
N LEU A 93 -4.47 -22.10 11.68
CA LEU A 93 -4.44 -22.10 10.20
C LEU A 93 -3.86 -23.38 9.62
N VAL A 94 -2.84 -23.94 10.27
CA VAL A 94 -2.15 -25.17 9.87
C VAL A 94 -3.09 -26.40 10.13
N GLN A 95 -3.87 -26.33 11.21
CA GLN A 95 -4.82 -27.39 11.56
C GLN A 95 -5.98 -27.43 10.55
N LEU A 96 -6.33 -26.26 9.99
CA LEU A 96 -7.38 -26.10 8.98
C LEU A 96 -6.98 -26.59 7.57
N LEU A 97 -5.72 -27.03 7.38
CA LEU A 97 -5.23 -27.61 6.11
C LEU A 97 -5.67 -29.07 5.98
N SER A 98 -6.30 -29.59 7.05
CA SER A 98 -6.83 -30.95 7.18
C SER A 98 -8.34 -30.89 7.22
N SER A 99 -8.94 -29.72 7.03
CA SER A 99 -10.41 -29.58 7.01
C SER A 99 -11.08 -30.41 5.90
N PRO A 100 -12.19 -31.08 6.21
CA PRO A 100 -12.89 -31.80 5.15
C PRO A 100 -13.73 -30.86 4.25
N ASN A 101 -13.89 -29.60 4.68
CA ASN A 101 -14.56 -28.57 3.91
C ASN A 101 -13.50 -27.88 3.03
N GLU A 102 -13.55 -28.15 1.71
CA GLU A 102 -12.64 -27.61 0.70
C GLU A 102 -12.59 -26.08 0.71
N GLN A 103 -13.74 -25.41 0.93
CA GLN A 103 -13.77 -23.95 0.96
C GLN A 103 -12.95 -23.42 2.14
N ILE A 104 -13.05 -24.06 3.31
CA ILE A 104 -12.29 -23.65 4.51
C ILE A 104 -10.77 -23.89 4.31
N LEU A 105 -10.41 -25.05 3.73
CA LEU A 105 -9.02 -25.39 3.41
C LEU A 105 -8.45 -24.30 2.47
N GLN A 106 -9.18 -23.98 1.39
CA GLN A 106 -8.76 -22.98 0.43
C GLN A 106 -8.53 -21.62 1.08
N GLU A 107 -9.42 -21.21 2.00
CA GLU A 107 -9.35 -19.94 2.70
C GLU A 107 -8.17 -19.86 3.60
N ALA A 108 -7.78 -21.02 4.21
CA ALA A 108 -6.63 -21.23 5.11
C ALA A 108 -5.33 -21.09 4.33
N LEU A 109 -5.24 -21.74 3.15
CA LEU A 109 -4.09 -21.67 2.26
C LEU A 109 -3.83 -20.24 1.81
N TRP A 110 -4.87 -19.54 1.35
CA TRP A 110 -4.76 -18.16 0.92
C TRP A 110 -4.25 -17.26 2.03
N ALA A 111 -4.68 -17.49 3.28
CA ALA A 111 -4.22 -16.75 4.45
C ALA A 111 -2.71 -17.02 4.66
N LEU A 112 -2.30 -18.31 4.50
CA LEU A 112 -0.91 -18.77 4.61
C LEU A 112 0.00 -18.23 3.53
N SER A 113 -0.50 -18.12 2.30
CA SER A 113 0.25 -17.58 1.17
C SER A 113 0.57 -16.12 1.42
N ASN A 114 -0.34 -15.41 2.11
CA ASN A 114 -0.22 -14.00 2.48
C ASN A 114 0.82 -13.80 3.56
N ILE A 115 0.74 -14.61 4.63
CA ILE A 115 1.68 -14.53 5.75
C ILE A 115 3.11 -14.82 5.28
N ALA A 116 3.28 -15.91 4.46
CA ALA A 116 4.57 -16.33 3.91
C ALA A 116 5.12 -15.36 2.82
N SER A 117 4.37 -14.28 2.47
CA SER A 117 4.78 -13.23 1.50
C SER A 117 5.43 -12.06 2.21
N GLY A 118 5.57 -12.20 3.53
CA GLY A 118 6.15 -11.26 4.46
C GLY A 118 7.65 -11.47 4.60
N GLY A 119 8.21 -11.12 5.75
CA GLY A 119 9.65 -11.26 6.00
C GLY A 119 10.10 -12.68 6.25
N ASN A 120 11.41 -12.91 6.16
CA ASN A 120 12.00 -14.22 6.40
C ASN A 120 11.66 -14.78 7.84
N GLU A 121 11.57 -13.89 8.84
CA GLU A 121 11.21 -14.29 10.20
C GLU A 121 9.76 -14.82 10.24
N GLN A 122 8.87 -14.22 9.39
CA GLN A 122 7.46 -14.54 9.22
C GLN A 122 7.31 -15.81 8.40
N ILE A 123 8.23 -16.02 7.43
CA ILE A 123 8.30 -17.27 6.66
C ILE A 123 8.67 -18.41 7.65
N GLN A 124 9.73 -18.19 8.50
CA GLN A 124 10.17 -19.16 9.50
C GLN A 124 9.05 -19.51 10.48
N ALA A 125 8.25 -18.52 10.92
CA ALA A 125 7.12 -18.71 11.83
C ALA A 125 6.15 -19.74 11.24
N VAL A 126 5.93 -19.67 9.90
CA VAL A 126 5.07 -20.59 9.15
C VAL A 126 5.65 -22.02 9.16
N ILE A 127 6.97 -22.14 8.87
CA ILE A 127 7.75 -23.40 8.88
C ILE A 127 7.67 -24.05 10.27
N ASP A 128 7.87 -23.24 11.32
CA ASP A 128 7.86 -23.67 12.72
C ASP A 128 6.46 -24.18 13.16
N ALA A 129 5.39 -23.54 12.65
CA ALA A 129 3.98 -23.93 12.86
C ALA A 129 3.68 -25.30 12.19
N GLY A 130 4.62 -25.73 11.33
CA GLY A 130 4.61 -26.99 10.60
C GLY A 130 3.68 -27.03 9.42
N ALA A 131 3.71 -26.00 8.59
CA ALA A 131 2.83 -25.98 7.43
C ALA A 131 3.39 -26.80 6.27
N LEU A 132 4.74 -26.97 6.21
CA LEU A 132 5.44 -27.68 5.13
C LEU A 132 4.97 -29.11 4.90
N PRO A 133 4.86 -30.01 5.92
CA PRO A 133 4.37 -31.37 5.64
C PRO A 133 2.95 -31.40 5.02
N ALA A 134 2.11 -30.40 5.35
CA ALA A 134 0.75 -30.28 4.84
C ALA A 134 0.68 -29.76 3.39
N LEU A 135 1.49 -28.72 3.06
CA LEU A 135 1.54 -28.15 1.72
C LEU A 135 2.09 -29.12 0.68
N VAL A 136 3.05 -29.97 1.07
CA VAL A 136 3.63 -30.99 0.18
C VAL A 136 2.58 -32.08 -0.12
N GLN A 137 1.69 -32.37 0.86
CA GLN A 137 0.60 -33.32 0.72
C GLN A 137 -0.39 -32.77 -0.29
N LEU A 138 -0.80 -31.49 -0.14
CA LEU A 138 -1.75 -30.79 -1.01
C LEU A 138 -1.29 -30.68 -2.46
N LEU A 139 -0.01 -30.99 -2.73
CA LEU A 139 0.54 -31.01 -4.08
C LEU A 139 0.07 -32.21 -4.93
N SER A 140 -0.51 -33.24 -4.25
CA SER A 140 -1.08 -34.46 -4.83
C SER A 140 -2.61 -34.35 -5.07
N SER A 141 -3.20 -33.22 -4.61
CA SER A 141 -4.62 -32.90 -4.65
C SER A 141 -5.21 -32.88 -6.05
N PRO A 142 -6.42 -33.46 -6.23
CA PRO A 142 -7.06 -33.44 -7.57
C PRO A 142 -7.72 -32.09 -7.88
N ASN A 143 -7.84 -31.22 -6.85
CA ASN A 143 -8.43 -29.91 -6.88
C ASN A 143 -7.39 -28.88 -7.35
N GLU A 144 -7.54 -28.43 -8.62
CA GLU A 144 -6.73 -27.42 -9.33
C GLU A 144 -6.46 -26.18 -8.43
N GLN A 145 -7.54 -25.64 -7.80
CA GLN A 145 -7.47 -24.48 -6.91
C GLN A 145 -6.62 -24.73 -5.69
N ILE A 146 -6.75 -25.92 -5.02
CA ILE A 146 -5.91 -26.32 -3.86
C ILE A 146 -4.45 -26.34 -4.33
N LEU A 147 -4.18 -27.00 -5.47
CA LEU A 147 -2.87 -27.12 -6.09
C LEU A 147 -2.22 -25.76 -6.39
N GLN A 148 -3.01 -24.77 -6.86
CA GLN A 148 -2.54 -23.39 -7.11
C GLN A 148 -2.10 -22.68 -5.80
N GLU A 149 -2.97 -22.71 -4.75
CA GLU A 149 -2.72 -22.03 -3.48
C GLU A 149 -1.60 -22.68 -2.68
N ALA A 150 -1.46 -24.01 -2.81
CA ALA A 150 -0.38 -24.73 -2.15
C ALA A 150 0.95 -24.41 -2.80
N LEU A 151 0.99 -24.27 -4.13
CA LEU A 151 2.21 -23.92 -4.86
C LEU A 151 2.56 -22.45 -4.63
N TRP A 152 1.55 -21.57 -4.53
CA TRP A 152 1.79 -20.16 -4.23
C TRP A 152 2.42 -20.05 -2.83
N ALA A 153 1.87 -20.78 -1.83
CA ALA A 153 2.39 -20.81 -0.46
C ALA A 153 3.84 -21.28 -0.40
N LEU A 154 4.14 -22.45 -1.04
CA LEU A 154 5.48 -23.05 -1.11
C LEU A 154 6.47 -22.17 -1.87
N SER A 155 6.01 -21.49 -2.94
CA SER A 155 6.86 -20.61 -3.74
C SER A 155 7.31 -19.42 -2.94
N ASN A 156 6.46 -18.95 -2.02
CA ASN A 156 6.81 -17.87 -1.11
C ASN A 156 7.82 -18.38 -0.08
N ILE A 157 7.52 -19.49 0.61
CA ILE A 157 8.43 -20.04 1.64
C ILE A 157 9.85 -20.28 1.06
N ALA A 158 9.92 -20.70 -0.24
CA ALA A 158 11.17 -20.97 -0.95
C ALA A 158 11.93 -19.69 -1.37
N SER A 159 11.33 -18.49 -1.19
CA SER A 159 11.98 -17.20 -1.51
C SER A 159 12.74 -16.69 -0.31
N GLY A 160 12.74 -17.47 0.76
CA GLY A 160 13.41 -17.15 2.01
C GLY A 160 14.89 -17.48 1.98
N GLY A 161 15.45 -17.66 3.18
CA GLY A 161 16.85 -18.00 3.37
C GLY A 161 17.13 -19.41 2.89
N ASN A 162 18.42 -19.74 2.72
CA ASN A 162 18.81 -21.06 2.23
C ASN A 162 18.43 -22.18 3.20
N GLU A 163 18.32 -21.91 4.50
CA GLU A 163 17.87 -22.99 5.38
C GLU A 163 16.39 -23.24 5.21
N GLN A 164 15.63 -22.17 4.84
CA GLN A 164 14.19 -22.22 4.60
C GLN A 164 13.91 -22.95 3.28
N ILE A 165 14.82 -22.79 2.29
CA ILE A 165 14.76 -23.51 1.00
C ILE A 165 14.95 -25.01 1.31
N GLN A 166 15.96 -25.32 2.17
CA GLN A 166 16.29 -26.68 2.60
C GLN A 166 15.12 -27.31 3.33
N ALA A 167 14.38 -26.52 4.14
CA ALA A 167 13.21 -26.99 4.88
C ALA A 167 12.20 -27.57 3.88
N VAL A 168 11.94 -26.82 2.77
CA VAL A 168 11.04 -27.22 1.66
C VAL A 168 11.58 -28.50 0.97
N ILE A 169 12.91 -28.59 0.71
CA ILE A 169 13.59 -29.71 0.07
C ILE A 169 13.45 -30.98 0.92
N ASP A 170 13.74 -30.87 2.22
CA ASP A 170 13.66 -31.96 3.18
C ASP A 170 12.21 -32.42 3.45
N ALA A 171 11.22 -31.56 3.10
CA ALA A 171 9.78 -31.85 3.19
C ALA A 171 9.36 -32.68 1.97
N GLY A 172 10.29 -32.81 1.00
CA GLY A 172 10.15 -33.59 -0.22
C GLY A 172 9.25 -33.00 -1.27
N ALA A 173 9.31 -31.69 -1.44
CA ALA A 173 8.47 -30.99 -2.41
C ALA A 173 8.90 -31.21 -3.87
N LEU A 174 10.22 -31.43 -4.09
CA LEU A 174 10.90 -31.62 -5.38
C LEU A 174 10.25 -32.69 -6.30
N PRO A 175 9.98 -33.96 -5.86
CA PRO A 175 9.38 -34.93 -6.81
C PRO A 175 8.02 -34.48 -7.33
N ALA A 176 7.18 -33.93 -6.43
CA ALA A 176 5.85 -33.40 -6.76
C ALA A 176 6.00 -32.20 -7.70
N LEU A 177 7.03 -31.36 -7.46
CA LEU A 177 7.31 -30.16 -8.25
C LEU A 177 7.78 -30.46 -9.67
N VAL A 178 8.67 -31.46 -9.83
CA VAL A 178 9.21 -31.83 -11.15
C VAL A 178 8.11 -32.54 -11.99
N GLN A 179 7.20 -33.24 -11.29
CA GLN A 179 6.04 -33.91 -11.88
C GLN A 179 5.11 -32.85 -12.46
N LEU A 180 4.95 -31.73 -11.76
CA LEU A 180 4.10 -30.62 -12.18
C LEU A 180 4.67 -29.78 -13.37
N LEU A 181 5.93 -30.04 -13.80
CA LEU A 181 6.54 -29.34 -14.94
C LEU A 181 6.00 -29.83 -16.29
N SER A 182 5.33 -30.99 -16.29
CA SER A 182 4.75 -31.60 -17.49
C SER A 182 3.25 -31.27 -17.64
N SER A 183 2.62 -30.86 -16.53
CA SER A 183 1.21 -30.48 -16.36
C SER A 183 0.59 -29.69 -17.53
N PRO A 184 -0.69 -29.95 -17.89
CA PRO A 184 -1.28 -29.20 -19.00
C PRO A 184 -1.65 -27.74 -18.69
N ASN A 185 -2.16 -27.47 -17.46
CA ASN A 185 -2.57 -26.13 -17.00
C ASN A 185 -1.36 -25.16 -16.97
N GLU A 186 -1.49 -24.01 -17.67
CA GLU A 186 -0.44 -22.98 -17.76
C GLU A 186 -0.04 -22.34 -16.42
N GLN A 187 -1.06 -21.95 -15.60
CA GLN A 187 -0.89 -21.31 -14.29
C GLN A 187 -0.11 -22.16 -13.30
N ILE A 188 -0.54 -23.44 -13.06
CA ILE A 188 0.15 -24.38 -12.15
C ILE A 188 1.57 -24.63 -12.64
N LEU A 189 1.78 -24.58 -13.96
CA LEU A 189 3.09 -24.75 -14.54
C LEU A 189 4.00 -23.57 -14.22
N GLN A 190 3.47 -22.35 -14.38
CA GLN A 190 4.16 -21.09 -14.05
C GLN A 190 4.52 -21.07 -12.55
N GLU A 191 3.65 -21.68 -11.71
CA GLU A 191 3.84 -21.76 -10.27
C GLU A 191 4.90 -22.77 -9.86
N ALA A 192 4.98 -23.92 -10.56
CA ALA A 192 5.98 -24.95 -10.30
C ALA A 192 7.35 -24.39 -10.70
N LEU A 193 7.40 -23.64 -11.83
CA LEU A 193 8.60 -22.96 -12.33
C LEU A 193 9.07 -21.93 -11.33
N TRP A 194 8.11 -21.20 -10.71
CA TRP A 194 8.34 -20.19 -9.67
C TRP A 194 9.01 -20.83 -8.44
N ALA A 195 8.37 -21.85 -7.85
CA ALA A 195 8.89 -22.57 -6.68
C ALA A 195 10.30 -23.18 -6.93
N LEU A 196 10.52 -23.82 -8.09
CA LEU A 196 11.79 -24.43 -8.42
C LEU A 196 12.86 -23.40 -8.64
N SER A 197 12.53 -22.25 -9.28
CA SER A 197 13.47 -21.16 -9.53
C SER A 197 14.00 -20.62 -8.22
N ASN A 198 13.11 -20.56 -7.21
CA ASN A 198 13.48 -20.10 -5.87
C ASN A 198 14.38 -21.10 -5.16
N ILE A 199 14.05 -22.41 -5.27
CA ILE A 199 14.87 -23.48 -4.68
C ILE A 199 16.26 -23.51 -5.34
N ALA A 200 16.31 -23.28 -6.67
CA ALA A 200 17.52 -23.21 -7.48
C ALA A 200 18.37 -21.95 -7.22
N SER A 201 17.84 -20.96 -6.48
CA SER A 201 18.59 -19.74 -6.17
C SER A 201 19.37 -19.85 -4.85
N GLY A 202 19.33 -21.02 -4.22
CA GLY A 202 20.03 -21.34 -2.98
C GLY A 202 21.48 -21.76 -3.18
N GLY A 203 22.02 -22.48 -2.20
CA GLY A 203 23.39 -22.98 -2.22
C GLY A 203 23.58 -24.09 -3.24
N ASN A 204 24.83 -24.33 -3.67
CA ASN A 204 25.18 -25.34 -4.67
C ASN A 204 24.51 -26.71 -4.40
N GLU A 205 24.45 -27.15 -3.12
CA GLU A 205 23.82 -28.40 -2.67
C GLU A 205 22.32 -28.46 -3.01
N GLN A 206 21.64 -27.34 -2.76
CA GLN A 206 20.21 -27.10 -3.01
C GLN A 206 19.94 -27.03 -4.50
N ILE A 207 20.91 -26.46 -5.27
CA ILE A 207 20.90 -26.39 -6.74
C ILE A 207 21.02 -27.84 -7.28
N GLN A 208 21.88 -28.66 -6.65
CA GLN A 208 22.12 -30.07 -7.03
C GLN A 208 20.90 -30.93 -6.73
N ALA A 209 20.18 -30.67 -5.62
CA ALA A 209 18.96 -31.40 -5.22
C ALA A 209 17.85 -31.29 -6.29
N VAL A 210 17.78 -30.10 -6.94
CA VAL A 210 16.87 -29.78 -8.04
C VAL A 210 17.26 -30.69 -9.24
N ILE A 211 18.58 -30.72 -9.59
CA ILE A 211 19.14 -31.54 -10.67
C ILE A 211 18.83 -33.04 -10.41
N ASP A 212 19.12 -33.53 -9.17
CA ASP A 212 18.92 -34.89 -8.65
C ASP A 212 17.44 -35.34 -8.75
N ALA A 213 16.50 -34.39 -8.59
CA ALA A 213 15.04 -34.62 -8.71
C ALA A 213 14.59 -34.83 -10.17
N GLY A 214 15.49 -34.54 -11.11
CA GLY A 214 15.29 -34.69 -12.54
C GLY A 214 14.59 -33.51 -13.20
N ALA A 215 14.89 -32.29 -12.72
CA ALA A 215 14.28 -31.06 -13.24
C ALA A 215 14.84 -30.60 -14.59
N LEU A 216 16.17 -30.79 -14.83
CA LEU A 216 16.87 -30.36 -16.05
C LEU A 216 16.24 -30.77 -17.41
N PRO A 217 15.86 -32.06 -17.70
CA PRO A 217 15.27 -32.37 -19.03
C PRO A 217 13.96 -31.64 -19.29
N ALA A 218 13.10 -31.52 -18.24
CA ALA A 218 11.83 -30.83 -18.31
C ALA A 218 12.03 -29.34 -18.60
N LEU A 219 13.04 -28.70 -17.98
CA LEU A 219 13.37 -27.28 -18.15
C LEU A 219 13.86 -26.93 -19.55
N VAL A 220 14.62 -27.84 -20.18
CA VAL A 220 15.14 -27.69 -21.54
C VAL A 220 13.96 -27.76 -22.54
N GLN A 221 12.93 -28.59 -22.22
CA GLN A 221 11.70 -28.76 -23.01
C GLN A 221 10.82 -27.51 -22.99
N LEU A 222 10.97 -26.66 -21.98
CA LEU A 222 10.22 -25.41 -21.80
C LEU A 222 10.87 -24.22 -22.52
N LEU A 223 12.09 -24.40 -23.06
CA LEU A 223 12.79 -23.35 -23.82
C LEU A 223 12.22 -23.31 -25.26
N SER A 224 11.52 -24.39 -25.67
CA SER A 224 10.84 -24.53 -26.95
C SER A 224 9.32 -24.41 -26.73
N SER A 225 8.93 -23.46 -25.84
CA SER A 225 7.56 -23.16 -25.45
C SER A 225 7.02 -21.95 -26.22
N PRO A 226 5.71 -21.95 -26.59
CA PRO A 226 5.16 -20.78 -27.30
C PRO A 226 4.89 -19.60 -26.36
N ASN A 227 4.53 -19.91 -25.08
CA ASN A 227 4.24 -18.93 -24.05
C ASN A 227 5.53 -18.23 -23.61
N GLU A 228 5.55 -16.90 -23.77
CA GLU A 228 6.68 -16.02 -23.44
C GLU A 228 7.01 -15.98 -21.94
N GLN A 229 5.99 -16.19 -21.07
CA GLN A 229 6.18 -16.23 -19.61
C GLN A 229 6.88 -17.52 -19.16
N ILE A 230 6.46 -18.70 -19.67
CA ILE A 230 7.09 -19.99 -19.33
C ILE A 230 8.51 -20.04 -19.89
N LEU A 231 8.73 -19.44 -21.08
CA LEU A 231 10.03 -19.28 -21.75
C LEU A 231 10.98 -18.46 -20.83
N GLN A 232 10.51 -17.28 -20.36
CA GLN A 232 11.19 -16.33 -19.47
C GLN A 232 11.58 -17.01 -18.16
N GLU A 233 10.63 -17.78 -17.59
CA GLU A 233 10.77 -18.53 -16.33
C GLU A 233 11.69 -19.72 -16.45
N ALA A 234 11.60 -20.48 -17.56
CA ALA A 234 12.42 -21.65 -17.85
C ALA A 234 13.90 -21.28 -17.90
N LEU A 235 14.20 -20.05 -18.36
CA LEU A 235 15.56 -19.55 -18.40
C LEU A 235 15.97 -18.86 -17.08
N TRP A 236 15.00 -18.33 -16.26
CA TRP A 236 15.32 -17.74 -14.93
C TRP A 236 15.85 -18.90 -14.09
N ALA A 237 15.15 -20.06 -14.18
CA ALA A 237 15.51 -21.29 -13.49
C ALA A 237 16.84 -21.84 -14.02
N LEU A 238 17.06 -21.73 -15.35
CA LEU A 238 18.29 -22.18 -15.99
C LEU A 238 19.51 -21.31 -15.64
N SER A 239 19.30 -20.00 -15.41
CA SER A 239 20.37 -19.06 -15.04
C SER A 239 20.75 -19.26 -13.57
N ASN A 240 19.73 -19.42 -12.70
CA ASN A 240 19.88 -19.66 -11.26
C ASN A 240 20.63 -20.97 -10.97
N ILE A 241 20.33 -22.03 -11.75
CA ILE A 241 20.95 -23.35 -11.62
C ILE A 241 22.41 -23.33 -12.13
N ALA A 242 22.71 -22.47 -13.13
CA ALA A 242 24.04 -22.25 -13.71
C ALA A 242 24.96 -21.49 -12.75
N SER A 243 24.39 -20.73 -11.79
CA SER A 243 25.13 -19.95 -10.78
C SER A 243 25.90 -20.85 -9.75
N GLY A 244 25.74 -22.16 -9.86
CA GLY A 244 26.41 -23.12 -8.99
C GLY A 244 27.86 -23.35 -9.39
N GLY A 245 28.39 -24.53 -9.04
CA GLY A 245 29.75 -24.93 -9.35
C GLY A 245 29.91 -25.41 -10.78
N ASN A 246 31.05 -26.05 -11.11
CA ASN A 246 31.31 -26.59 -12.45
C ASN A 246 30.43 -27.80 -12.76
N GLU A 247 30.02 -28.52 -11.69
CA GLU A 247 29.14 -29.69 -11.71
C GLU A 247 27.67 -29.23 -11.94
N GLN A 248 27.31 -28.05 -11.41
CA GLN A 248 25.98 -27.46 -11.56
C GLN A 248 25.79 -26.76 -12.93
N LYS A 249 26.91 -26.56 -13.66
CA LYS A 249 26.96 -25.96 -15.02
C LYS A 249 27.00 -27.08 -16.06
N GLN A 250 27.83 -28.13 -15.81
CA GLN A 250 28.00 -29.30 -16.68
C GLN A 250 26.70 -30.12 -16.79
N ALA A 251 25.91 -30.15 -15.69
CA ALA A 251 24.61 -30.84 -15.65
C ALA A 251 23.65 -30.20 -16.65
N VAL A 252 23.65 -28.84 -16.74
CA VAL A 252 22.86 -28.00 -17.67
C VAL A 252 23.31 -28.30 -19.12
N LYS A 253 24.64 -28.39 -19.34
CA LYS A 253 25.28 -28.69 -20.63
C LYS A 253 24.86 -30.10 -21.12
N GLU A 254 24.88 -31.08 -20.19
CA GLU A 254 24.52 -32.49 -20.41
C GLU A 254 23.03 -32.68 -20.73
N ALA A 255 22.17 -31.75 -20.26
CA ALA A 255 20.73 -31.77 -20.51
C ALA A 255 20.44 -31.40 -21.97
N GLY A 256 21.33 -30.60 -22.57
CA GLY A 256 21.27 -30.19 -23.97
C GLY A 256 20.88 -28.75 -24.23
N ALA A 257 20.76 -27.94 -23.16
CA ALA A 257 20.36 -26.53 -23.21
C ALA A 257 21.32 -25.58 -23.96
N LEU A 258 22.50 -26.07 -24.41
CA LEU A 258 23.52 -25.31 -25.14
C LEU A 258 22.97 -24.64 -26.40
N GLU A 259 22.59 -25.45 -27.43
CA GLU A 259 22.03 -25.02 -28.72
C GLU A 259 20.71 -24.24 -28.57
N LYS A 260 19.94 -24.56 -27.51
CA LYS A 260 18.65 -23.94 -27.16
C LYS A 260 18.82 -22.46 -26.76
N LEU A 261 19.88 -22.16 -25.97
CA LEU A 261 20.30 -20.84 -25.46
C LEU A 261 20.82 -19.91 -26.57
N GLU A 262 21.43 -20.51 -27.61
CA GLU A 262 22.01 -19.86 -28.78
C GLU A 262 20.93 -19.29 -29.70
N GLN A 263 19.82 -20.03 -29.85
CA GLN A 263 18.67 -19.66 -30.68
C GLN A 263 17.89 -18.49 -30.09
N LEU A 264 17.75 -18.45 -28.74
CA LEU A 264 17.02 -17.41 -28.01
C LEU A 264 17.72 -16.02 -27.97
N GLN A 265 18.73 -15.82 -28.86
CA GLN A 265 19.49 -14.58 -29.05
C GLN A 265 19.07 -13.91 -30.38
N SER A 266 18.46 -14.72 -31.31
CA SER A 266 17.95 -14.30 -32.62
C SER A 266 16.42 -14.14 -32.56
N HIS A 267 15.84 -14.38 -31.35
CA HIS A 267 14.42 -14.26 -31.02
C HIS A 267 14.02 -12.78 -31.12
N GLU A 268 12.78 -12.52 -31.56
CA GLU A 268 12.23 -11.17 -31.75
C GLU A 268 12.08 -10.38 -30.45
N ASN A 269 11.88 -11.09 -29.31
CA ASN A 269 11.73 -10.51 -27.98
C ASN A 269 12.96 -9.71 -27.53
N GLU A 270 12.73 -8.67 -26.72
CA GLU A 270 13.76 -7.76 -26.20
C GLU A 270 14.21 -8.17 -24.79
N LYS A 271 13.25 -8.63 -23.96
CA LYS A 271 13.47 -9.10 -22.58
C LYS A 271 14.17 -10.46 -22.57
N ILE A 272 13.75 -11.39 -23.46
CA ILE A 272 14.29 -12.74 -23.59
C ILE A 272 15.70 -12.73 -24.25
N GLN A 273 15.98 -11.79 -25.18
CA GLN A 273 17.29 -11.65 -25.85
C GLN A 273 18.40 -11.28 -24.87
N LYS A 274 18.11 -10.33 -23.96
CA LYS A 274 19.03 -9.89 -22.92
C LYS A 274 19.16 -10.93 -21.77
N GLU A 275 18.09 -11.72 -21.52
CA GLU A 275 18.06 -12.78 -20.51
C GLU A 275 18.92 -13.96 -20.97
N ALA A 276 18.90 -14.26 -22.28
CA ALA A 276 19.68 -15.33 -22.92
C ALA A 276 21.17 -15.01 -22.93
N GLN A 277 21.56 -13.77 -23.31
CA GLN A 277 22.97 -13.33 -23.34
C GLN A 277 23.60 -13.26 -21.93
N GLU A 278 22.75 -13.08 -20.89
CA GLU A 278 23.14 -13.03 -19.48
C GLU A 278 23.22 -14.46 -18.90
N ALA A 279 22.57 -15.44 -19.57
CA ALA A 279 22.54 -16.84 -19.15
C ALA A 279 23.73 -17.68 -19.62
N LEU A 280 24.06 -17.65 -20.94
CA LEU A 280 25.17 -18.43 -21.52
C LEU A 280 26.56 -17.88 -21.10
N GLU A 281 26.65 -16.56 -20.85
CA GLU A 281 27.88 -15.90 -20.38
C GLU A 281 28.21 -16.39 -18.98
N LYS A 282 27.17 -16.61 -18.13
CA LYS A 282 27.29 -17.15 -16.77
C LYS A 282 27.81 -18.61 -16.80
N LEU A 283 27.36 -19.39 -17.81
CA LEU A 283 27.70 -20.80 -18.05
C LEU A 283 29.14 -21.02 -18.59
N GLN A 284 29.76 -19.97 -19.19
CA GLN A 284 31.13 -20.01 -19.69
C GLN A 284 32.04 -19.21 -18.74
N SER A 285 32.73 -19.92 -17.82
CA SER A 285 33.61 -19.32 -16.83
C SER A 285 34.95 -20.04 -16.78
N LYS B 8 24.80 -12.38 -8.40
CA LYS B 8 23.65 -12.67 -7.56
C LYS B 8 22.49 -13.34 -8.32
N ARG B 9 21.63 -14.04 -7.58
CA ARG B 9 20.46 -14.73 -8.10
C ARG B 9 19.20 -13.95 -7.74
N LYS B 10 18.13 -14.11 -8.55
CA LYS B 10 16.85 -13.41 -8.36
C LYS B 10 15.74 -14.31 -7.77
N ARG B 11 14.96 -13.76 -6.82
CA ARG B 11 13.87 -14.43 -6.11
C ARG B 11 12.53 -13.66 -6.21
N LYS B 12 11.45 -14.41 -6.41
CA LYS B 12 10.08 -13.92 -6.56
C LYS B 12 9.27 -14.30 -5.31
N ARG B 13 8.60 -13.29 -4.71
CA ARG B 13 7.72 -13.41 -3.54
C ARG B 13 6.62 -12.45 -3.80
N LYS B 14 5.39 -12.89 -3.50
CA LYS B 14 4.18 -12.12 -3.71
C LYS B 14 3.03 -12.65 -2.91
N ARG B 15 2.28 -11.75 -2.32
CA ARG B 15 1.09 -12.09 -1.53
C ARG B 15 0.00 -12.59 -2.47
N GLU B 16 -0.90 -13.46 -1.97
CA GLU B 16 -1.98 -13.91 -2.83
C GLU B 16 -3.01 -12.78 -3.03
N GLY B 17 -3.09 -11.85 -2.09
CA GLY B 17 -3.92 -10.65 -2.20
C GLY B 17 -5.12 -10.53 -1.30
N LYS B 18 -5.86 -9.44 -1.48
CA LYS B 18 -7.11 -9.05 -0.82
C LYS B 18 -8.22 -9.74 -1.63
N LEU B 19 -9.32 -10.18 -0.96
CA LEU B 19 -10.50 -10.82 -1.53
C LEU B 19 -11.71 -10.00 -1.05
N MET B 20 -12.51 -9.49 -1.99
CA MET B 20 -13.69 -8.70 -1.67
C MET B 20 -14.81 -9.57 -1.16
N SER B 21 -14.79 -10.86 -1.50
CA SER B 21 -15.75 -11.87 -1.00
C SER B 21 -15.02 -13.18 -0.84
N LYS B 22 -15.57 -14.11 -0.04
CA LYS B 22 -15.03 -15.46 0.11
C LYS B 22 -15.12 -16.23 -1.23
N GLY B 23 -16.30 -16.18 -1.89
CA GLY B 23 -16.57 -16.81 -3.18
C GLY B 23 -15.64 -16.45 -4.34
N GLU B 24 -15.09 -15.22 -4.32
CA GLU B 24 -14.15 -14.68 -5.30
C GLU B 24 -12.97 -15.65 -5.50
N GLU B 25 -12.42 -16.16 -4.41
CA GLU B 25 -11.31 -17.09 -4.38
C GLU B 25 -11.54 -18.43 -5.13
N LEU B 26 -12.81 -18.88 -5.17
CA LEU B 26 -13.21 -20.11 -5.85
C LEU B 26 -13.11 -20.04 -7.38
N PHE B 27 -12.71 -18.88 -7.96
CA PHE B 27 -12.55 -18.76 -9.41
C PHE B 27 -11.14 -18.28 -9.79
N THR B 28 -10.13 -18.52 -8.91
CA THR B 28 -8.76 -18.04 -9.15
C THR B 28 -7.97 -18.79 -10.22
N GLY B 29 -8.37 -20.03 -10.51
CA GLY B 29 -7.78 -20.83 -11.58
C GLY B 29 -8.83 -21.27 -12.61
N VAL B 30 -8.55 -22.37 -13.29
CA VAL B 30 -9.49 -22.95 -14.23
C VAL B 30 -10.45 -23.85 -13.45
N VAL B 31 -11.76 -23.59 -13.63
CA VAL B 31 -12.83 -24.30 -12.92
C VAL B 31 -13.67 -25.15 -13.93
N PRO B 32 -13.80 -26.48 -13.67
CA PRO B 32 -14.64 -27.30 -14.55
C PRO B 32 -16.10 -26.89 -14.43
N ILE B 33 -16.78 -26.90 -15.58
CA ILE B 33 -18.17 -26.55 -15.73
C ILE B 33 -18.96 -27.73 -16.25
N LEU B 34 -20.18 -27.86 -15.74
CA LEU B 34 -21.18 -28.81 -16.21
C LEU B 34 -22.46 -28.01 -16.42
N VAL B 35 -23.13 -28.19 -17.58
CA VAL B 35 -24.41 -27.53 -17.87
C VAL B 35 -25.42 -28.58 -18.23
N GLU B 36 -26.55 -28.59 -17.55
CA GLU B 36 -27.66 -29.52 -17.83
C GLU B 36 -28.93 -28.71 -18.11
N LEU B 37 -29.54 -28.90 -19.29
CA LEU B 37 -30.75 -28.19 -19.71
C LEU B 37 -31.88 -29.13 -20.04
N ASP B 38 -33.06 -28.87 -19.47
CA ASP B 38 -34.25 -29.64 -19.79
C ASP B 38 -35.24 -28.72 -20.51
N GLY B 39 -35.42 -28.96 -21.80
CA GLY B 39 -36.26 -28.14 -22.64
C GLY B 39 -37.55 -28.78 -23.09
N ASP B 40 -38.51 -27.90 -23.42
CA ASP B 40 -39.83 -28.18 -23.95
C ASP B 40 -40.32 -26.89 -24.59
N VAL B 41 -40.17 -26.78 -25.91
CA VAL B 41 -40.60 -25.63 -26.68
C VAL B 41 -41.76 -26.09 -27.57
N ASN B 42 -42.95 -25.49 -27.36
CA ASN B 42 -44.20 -25.83 -28.07
C ASN B 42 -44.55 -27.34 -28.00
N GLY B 43 -44.08 -28.02 -26.94
CA GLY B 43 -44.29 -29.46 -26.76
C GLY B 43 -43.14 -30.32 -27.27
N HIS B 44 -42.13 -29.70 -27.93
CA HIS B 44 -40.97 -30.40 -28.45
C HIS B 44 -39.94 -30.52 -27.31
N LYS B 45 -39.92 -31.68 -26.65
CA LYS B 45 -39.01 -31.93 -25.53
C LYS B 45 -37.59 -32.26 -26.01
N PHE B 46 -36.59 -31.69 -25.33
CA PHE B 46 -35.17 -31.90 -25.64
C PHE B 46 -34.31 -31.75 -24.38
N SER B 47 -33.11 -32.34 -24.38
CA SER B 47 -32.17 -32.17 -23.27
C SER B 47 -30.80 -31.89 -23.85
N VAL B 48 -30.06 -30.99 -23.22
CA VAL B 48 -28.70 -30.61 -23.63
C VAL B 48 -27.74 -30.83 -22.46
N ARG B 49 -26.51 -31.18 -22.75
CA ARG B 49 -25.45 -31.35 -21.76
C ARG B 49 -24.15 -30.77 -22.32
N GLY B 50 -23.61 -29.85 -21.55
CA GLY B 50 -22.35 -29.19 -21.85
C GLY B 50 -21.33 -29.42 -20.76
N GLU B 51 -20.07 -29.55 -21.18
CA GLU B 51 -18.93 -29.69 -20.30
C GLU B 51 -17.81 -28.84 -20.84
N GLY B 52 -16.95 -28.41 -19.93
CA GLY B 52 -15.82 -27.57 -20.26
C GLY B 52 -15.25 -26.90 -19.03
N GLU B 53 -14.62 -25.75 -19.23
CA GLU B 53 -13.93 -25.00 -18.20
C GLU B 53 -14.17 -23.51 -18.32
N GLY B 54 -14.01 -22.81 -17.19
CA GLY B 54 -14.12 -21.37 -17.02
C GLY B 54 -12.92 -20.80 -16.29
N ASP B 55 -12.43 -19.70 -16.78
CA ASP B 55 -11.25 -19.00 -16.31
C ASP B 55 -11.60 -17.54 -16.12
N ALA B 56 -12.16 -17.21 -14.95
CA ALA B 56 -12.56 -15.84 -14.56
C ALA B 56 -11.37 -14.85 -14.58
N THR B 57 -10.10 -15.34 -14.48
CA THR B 57 -8.91 -14.48 -14.51
C THR B 57 -8.81 -13.74 -15.86
N ASN B 58 -9.15 -14.46 -16.95
CA ASN B 58 -9.11 -13.96 -18.33
C ASN B 58 -10.52 -13.79 -18.95
N GLY B 59 -11.54 -14.23 -18.23
CA GLY B 59 -12.93 -14.17 -18.66
C GLY B 59 -13.23 -15.11 -19.80
N LYS B 60 -12.55 -16.27 -19.85
CA LYS B 60 -12.68 -17.25 -20.93
C LYS B 60 -13.45 -18.51 -20.55
N LEU B 61 -14.52 -18.82 -21.34
CA LEU B 61 -15.32 -20.04 -21.21
C LEU B 61 -15.09 -20.85 -22.47
N THR B 62 -14.93 -22.19 -22.30
CA THR B 62 -14.78 -23.12 -23.44
C THR B 62 -15.68 -24.30 -23.16
N LEU B 63 -16.78 -24.42 -23.88
CA LEU B 63 -17.74 -25.49 -23.61
C LEU B 63 -18.23 -26.15 -24.88
N LYS B 64 -18.62 -27.43 -24.78
CA LYS B 64 -19.18 -28.22 -25.86
C LYS B 64 -20.53 -28.73 -25.36
N PHE B 65 -21.62 -28.35 -26.06
CA PHE B 65 -23.00 -28.74 -25.71
C PHE B 65 -23.49 -29.76 -26.70
N ILE B 66 -24.10 -30.86 -26.20
CA ILE B 66 -24.61 -31.95 -27.03
C ILE B 66 -26.08 -32.13 -26.73
N CYS B 67 -26.94 -32.25 -27.78
CA CYS B 67 -28.36 -32.55 -27.60
C CYS B 67 -28.47 -34.05 -27.46
N THR B 68 -28.75 -34.51 -26.22
CA THR B 68 -28.80 -35.93 -25.83
C THR B 68 -30.07 -36.65 -26.25
N THR B 69 -31.10 -35.89 -26.61
CA THR B 69 -32.41 -36.39 -27.03
C THR B 69 -32.50 -36.61 -28.57
N GLY B 70 -31.46 -36.18 -29.31
CA GLY B 70 -31.39 -36.29 -30.76
C GLY B 70 -31.10 -34.96 -31.43
N LYS B 71 -32.04 -34.52 -32.31
CA LYS B 71 -31.97 -33.26 -33.06
C LYS B 71 -32.61 -32.11 -32.25
N LEU B 72 -31.89 -30.98 -32.10
CA LEU B 72 -32.40 -29.82 -31.36
C LEU B 72 -33.55 -29.17 -32.11
N PRO B 73 -34.73 -28.95 -31.49
CA PRO B 73 -35.84 -28.32 -32.22
C PRO B 73 -35.67 -26.82 -32.51
N VAL B 74 -34.81 -26.16 -31.73
CA VAL B 74 -34.59 -24.72 -31.81
C VAL B 74 -33.16 -24.44 -32.31
N PRO B 75 -32.79 -23.24 -32.80
CA PRO B 75 -31.39 -23.06 -33.20
C PRO B 75 -30.48 -22.91 -31.98
N TRP B 76 -29.27 -23.48 -32.06
CA TRP B 76 -28.29 -23.34 -30.97
C TRP B 76 -28.08 -21.88 -30.52
N PRO B 77 -27.97 -20.82 -31.39
CA PRO B 77 -27.79 -19.46 -30.88
C PRO B 77 -28.86 -18.93 -29.91
N THR B 78 -30.11 -19.45 -29.96
CA THR B 78 -31.18 -19.02 -29.06
C THR B 78 -30.98 -19.52 -27.64
N LEU B 79 -30.13 -20.51 -27.46
CA LEU B 79 -29.82 -21.13 -26.15
C LEU B 79 -28.55 -20.57 -25.51
N VAL B 80 -27.72 -19.78 -26.24
CA VAL B 80 -26.45 -19.27 -25.73
C VAL B 80 -26.61 -18.57 -24.36
N THR B 81 -27.57 -17.65 -24.25
CA THR B 81 -27.77 -16.87 -23.03
C THR B 81 -28.22 -17.73 -21.85
N THR B 82 -28.97 -18.81 -22.11
CA THR B 82 -29.47 -19.73 -21.11
C THR B 82 -28.36 -20.68 -20.64
N LEU B 83 -27.60 -21.25 -21.60
CA LEU B 83 -26.50 -22.16 -21.33
C LEU B 83 -25.35 -21.46 -20.63
N1 CRO B 84 -24.96 -20.21 -21.05
CA1 CRO B 84 -23.91 -19.42 -20.47
CB1 CRO B 84 -22.68 -19.35 -21.34
CG1 CRO B 84 -22.18 -20.72 -21.75
OG1 CRO B 84 -22.99 -18.62 -22.49
C1 CRO B 84 -24.49 -18.06 -20.12
N2 CRO B 84 -24.40 -16.92 -20.89
N3 CRO B 84 -25.24 -17.81 -18.94
C2 CRO B 84 -25.63 -16.43 -18.99
O2 CRO B 84 -26.28 -15.79 -18.18
CA2 CRO B 84 -25.09 -15.88 -20.27
CA3 CRO B 84 -25.60 -18.78 -17.95
C3 CRO B 84 -24.76 -18.73 -16.72
O3 CRO B 84 -25.37 -18.80 -15.65
CB2 CRO B 84 -25.30 -14.60 -20.66
CG2 CRO B 84 -24.93 -13.97 -21.97
CD1 CRO B 84 -25.31 -12.63 -22.15
CD2 CRO B 84 -24.18 -14.62 -22.94
CE1 CRO B 84 -24.92 -11.97 -23.30
CE2 CRO B 84 -23.80 -13.96 -24.11
CZ CRO B 84 -24.19 -12.63 -24.28
OH CRO B 84 -23.83 -11.94 -25.46
N VAL B 85 -23.50 -18.66 -16.92
CA VAL B 85 -22.45 -18.72 -15.90
C VAL B 85 -21.63 -17.42 -15.85
N GLN B 86 -22.31 -16.32 -15.55
CA GLN B 86 -21.75 -14.96 -15.45
C GLN B 86 -20.75 -14.79 -14.28
N CYS B 87 -20.60 -15.84 -13.45
CA CYS B 87 -19.64 -15.86 -12.37
C CYS B 87 -18.23 -15.90 -12.91
N PHE B 88 -18.05 -16.30 -14.20
CA PHE B 88 -16.77 -16.36 -14.92
C PHE B 88 -16.42 -15.10 -15.68
N SER B 89 -17.11 -14.01 -15.39
CA SER B 89 -16.77 -12.72 -15.97
C SER B 89 -15.51 -12.23 -15.30
N ARG B 90 -14.61 -11.59 -16.06
CA ARG B 90 -13.41 -11.02 -15.49
C ARG B 90 -13.78 -9.66 -14.88
N TYR B 91 -13.67 -9.53 -13.56
CA TYR B 91 -13.93 -8.26 -12.91
C TYR B 91 -12.59 -7.62 -12.68
N PRO B 92 -12.27 -6.49 -13.35
CA PRO B 92 -10.99 -5.82 -13.15
C PRO B 92 -10.84 -5.45 -11.69
N ASP B 93 -9.60 -5.38 -11.18
CA ASP B 93 -9.25 -5.10 -9.78
C ASP B 93 -10.02 -3.96 -9.12
N HIS B 94 -10.28 -2.84 -9.84
CA HIS B 94 -11.04 -1.74 -9.27
C HIS B 94 -12.55 -2.00 -9.14
N MET B 95 -13.05 -3.11 -9.72
CA MET B 95 -14.47 -3.48 -9.70
C MET B 95 -14.81 -4.75 -8.93
N LYS B 96 -13.83 -5.34 -8.21
CA LYS B 96 -14.08 -6.62 -7.51
C LYS B 96 -15.23 -6.57 -6.47
N ARG B 97 -15.55 -5.38 -5.92
CA ARG B 97 -16.61 -5.14 -4.92
C ARG B 97 -17.99 -5.17 -5.58
N HIS B 98 -18.02 -5.27 -6.92
CA HIS B 98 -19.25 -5.26 -7.69
C HIS B 98 -19.54 -6.60 -8.36
N ASP B 99 -18.86 -7.66 -7.91
CA ASP B 99 -19.09 -9.00 -8.43
C ASP B 99 -20.07 -9.79 -7.53
N PHE B 100 -21.37 -9.67 -7.82
CA PHE B 100 -22.44 -10.37 -7.12
C PHE B 100 -22.28 -11.88 -7.30
N PHE B 101 -22.13 -12.31 -8.58
CA PHE B 101 -22.01 -13.70 -9.07
C PHE B 101 -21.05 -14.58 -8.30
N LYS B 102 -19.78 -14.20 -8.19
CA LYS B 102 -18.78 -14.97 -7.43
C LYS B 102 -19.08 -14.93 -5.93
N SER B 103 -19.58 -13.78 -5.41
CA SER B 103 -19.90 -13.54 -3.99
C SER B 103 -21.00 -14.45 -3.46
N ALA B 104 -21.90 -14.91 -4.35
CA ALA B 104 -23.00 -15.82 -4.05
C ALA B 104 -22.55 -17.29 -4.04
N MET B 105 -21.25 -17.58 -4.36
CA MET B 105 -20.69 -18.93 -4.38
C MET B 105 -20.06 -19.33 -3.02
N PRO B 106 -20.01 -20.63 -2.63
CA PRO B 106 -20.36 -21.84 -3.41
C PRO B 106 -21.85 -22.22 -3.43
N GLU B 107 -22.68 -21.70 -2.49
CA GLU B 107 -24.11 -22.04 -2.39
C GLU B 107 -24.90 -21.66 -3.66
N GLY B 108 -24.37 -20.69 -4.41
CA GLY B 108 -24.85 -20.27 -5.71
C GLY B 108 -25.99 -19.29 -5.74
N TYR B 109 -26.61 -19.16 -6.93
CA TYR B 109 -27.75 -18.28 -7.16
C TYR B 109 -28.76 -18.88 -8.09
N VAL B 110 -29.99 -18.32 -8.04
CA VAL B 110 -31.09 -18.64 -8.95
C VAL B 110 -31.06 -17.60 -10.08
N GLN B 111 -31.15 -18.03 -11.33
CA GLN B 111 -31.20 -17.11 -12.46
C GLN B 111 -32.49 -17.37 -13.19
N GLU B 112 -33.37 -16.36 -13.21
CA GLU B 112 -34.64 -16.45 -13.93
C GLU B 112 -34.64 -15.44 -15.07
N ARG B 113 -35.25 -15.86 -16.19
CA ARG B 113 -35.33 -15.07 -17.42
C ARG B 113 -36.62 -15.29 -18.18
N THR B 114 -37.06 -14.23 -18.86
CA THR B 114 -38.13 -14.24 -19.84
C THR B 114 -37.43 -13.73 -21.10
N ILE B 115 -37.39 -14.58 -22.14
CA ILE B 115 -36.83 -14.20 -23.43
C ILE B 115 -37.99 -14.09 -24.40
N SER B 116 -38.20 -12.90 -24.92
CA SER B 116 -39.28 -12.64 -25.87
C SER B 116 -38.73 -12.40 -27.28
N PHE B 117 -38.93 -13.40 -28.15
CA PHE B 117 -38.54 -13.33 -29.56
C PHE B 117 -39.58 -12.50 -30.29
N LYS B 118 -39.18 -11.31 -30.78
CA LYS B 118 -40.08 -10.36 -31.43
C LYS B 118 -40.86 -11.00 -32.56
N ASP B 119 -42.21 -10.91 -32.46
CA ASP B 119 -43.20 -11.47 -33.39
C ASP B 119 -43.02 -12.99 -33.60
N ASP B 120 -42.71 -13.67 -32.49
CA ASP B 120 -42.54 -15.12 -32.36
C ASP B 120 -42.77 -15.48 -30.86
N GLY B 121 -42.45 -16.70 -30.47
CA GLY B 121 -42.67 -17.15 -29.10
C GLY B 121 -41.82 -16.54 -27.99
N THR B 122 -41.98 -17.10 -26.78
CA THR B 122 -41.25 -16.67 -25.58
C THR B 122 -40.66 -17.88 -24.85
N TYR B 123 -39.46 -17.71 -24.25
CA TYR B 123 -38.76 -18.70 -23.41
C TYR B 123 -38.84 -18.21 -21.98
N LYS B 124 -39.23 -19.10 -21.07
CA LYS B 124 -39.23 -18.85 -19.63
C LYS B 124 -38.16 -19.82 -19.12
N THR B 125 -37.18 -19.32 -18.37
CA THR B 125 -36.09 -20.17 -17.86
C THR B 125 -35.87 -20.00 -16.37
N ARG B 126 -35.56 -21.10 -15.71
CA ARG B 126 -35.19 -21.08 -14.30
C ARG B 126 -33.97 -21.94 -14.16
N ALA B 127 -32.92 -21.36 -13.59
CA ALA B 127 -31.67 -22.07 -13.43
C ALA B 127 -31.09 -21.88 -12.05
N GLU B 128 -30.35 -22.91 -11.62
CA GLU B 128 -29.65 -22.96 -10.36
C GLU B 128 -28.14 -23.04 -10.66
N VAL B 129 -27.40 -21.93 -10.47
CA VAL B 129 -25.93 -21.90 -10.70
C VAL B 129 -25.20 -22.03 -9.36
N LYS B 130 -24.47 -23.14 -9.14
CA LYS B 130 -23.77 -23.43 -7.89
C LYS B 130 -22.63 -24.43 -8.07
N PHE B 131 -21.77 -24.56 -7.03
CA PHE B 131 -20.70 -25.58 -7.00
C PHE B 131 -21.23 -26.89 -6.43
N GLU B 132 -20.95 -28.00 -7.13
CA GLU B 132 -21.21 -29.38 -6.72
C GLU B 132 -19.83 -30.00 -6.73
N GLY B 133 -19.16 -29.98 -5.57
CA GLY B 133 -17.78 -30.40 -5.42
C GLY B 133 -16.91 -29.28 -5.94
N ASP B 134 -16.01 -29.56 -6.88
CA ASP B 134 -15.14 -28.57 -7.51
C ASP B 134 -15.68 -28.06 -8.84
N THR B 135 -16.82 -28.65 -9.31
CA THR B 135 -17.49 -28.31 -10.58
C THR B 135 -18.53 -27.23 -10.41
N LEU B 136 -18.49 -26.21 -11.28
CA LEU B 136 -19.51 -25.19 -11.27
C LEU B 136 -20.64 -25.77 -12.19
N VAL B 137 -21.80 -25.99 -11.62
CA VAL B 137 -22.93 -26.55 -12.35
C VAL B 137 -23.99 -25.46 -12.63
N ASN B 138 -24.58 -25.50 -13.83
CA ASN B 138 -25.70 -24.64 -14.23
C ASN B 138 -26.78 -25.61 -14.71
N ARG B 139 -27.76 -25.86 -13.85
CA ARG B 139 -28.87 -26.80 -14.04
C ARG B 139 -30.08 -25.94 -14.39
N ILE B 140 -30.65 -26.12 -15.60
CA ILE B 140 -31.74 -25.28 -16.14
C ILE B 140 -32.96 -26.01 -16.59
N GLU B 141 -34.08 -25.32 -16.48
CA GLU B 141 -35.39 -25.70 -17.00
C GLU B 141 -35.86 -24.56 -17.88
N LEU B 142 -36.25 -24.92 -19.07
CA LEU B 142 -36.69 -23.98 -20.03
C LEU B 142 -38.00 -24.49 -20.57
N LYS B 143 -38.95 -23.57 -20.68
CA LYS B 143 -40.25 -23.80 -21.26
C LYS B 143 -40.47 -22.73 -22.28
N GLY B 144 -40.72 -23.16 -23.51
CA GLY B 144 -41.00 -22.29 -24.65
C GLY B 144 -42.45 -22.38 -25.08
N ILE B 145 -43.09 -21.23 -25.29
CA ILE B 145 -44.51 -21.12 -25.67
C ILE B 145 -44.70 -20.14 -26.85
N ASP B 146 -45.83 -20.31 -27.59
CA ASP B 146 -46.35 -19.46 -28.66
C ASP B 146 -45.38 -19.25 -29.82
N PHE B 147 -44.66 -20.31 -30.20
CA PHE B 147 -43.73 -20.22 -31.32
C PHE B 147 -44.36 -20.56 -32.64
N LYS B 148 -43.99 -19.80 -33.68
CA LYS B 148 -44.41 -19.97 -35.06
C LYS B 148 -43.64 -21.18 -35.61
N GLU B 149 -44.36 -22.21 -36.09
CA GLU B 149 -43.79 -23.46 -36.64
C GLU B 149 -42.91 -23.22 -37.88
N ASP B 150 -43.15 -22.12 -38.61
CA ASP B 150 -42.43 -21.69 -39.80
C ASP B 150 -41.66 -20.37 -39.54
N GLY B 151 -41.39 -20.12 -38.26
CA GLY B 151 -40.65 -18.94 -37.82
C GLY B 151 -39.13 -19.15 -37.88
N ASN B 152 -38.38 -18.14 -37.42
CA ASN B 152 -36.92 -18.20 -37.45
C ASN B 152 -36.33 -19.18 -36.41
N ILE B 153 -37.07 -19.48 -35.35
CA ILE B 153 -36.64 -20.36 -34.27
C ILE B 153 -37.05 -21.84 -34.54
N LEU B 154 -38.37 -22.13 -34.74
CA LEU B 154 -38.83 -23.50 -35.02
C LEU B 154 -38.47 -23.98 -36.44
N GLY B 155 -38.34 -23.04 -37.38
CA GLY B 155 -37.97 -23.32 -38.76
C GLY B 155 -36.49 -23.17 -39.06
N HIS B 156 -35.66 -22.99 -38.00
CA HIS B 156 -34.20 -22.87 -38.03
C HIS B 156 -33.69 -21.92 -39.13
N LYS B 157 -34.24 -20.70 -39.18
CA LYS B 157 -33.88 -19.69 -40.18
C LYS B 157 -32.72 -18.78 -39.71
N LEU B 158 -32.11 -19.07 -38.53
CA LEU B 158 -31.00 -18.28 -37.96
C LEU B 158 -29.61 -18.79 -38.27
N GLU B 159 -28.68 -17.86 -38.54
CA GLU B 159 -27.26 -18.12 -38.79
C GLU B 159 -26.58 -18.64 -37.50
N TYR B 160 -25.52 -19.43 -37.66
CA TYR B 160 -24.79 -20.05 -36.56
C TYR B 160 -23.68 -19.11 -36.05
N ASN B 161 -24.09 -18.06 -35.30
CA ASN B 161 -23.20 -17.02 -34.72
C ASN B 161 -23.89 -16.29 -33.56
N PHE B 162 -23.14 -15.43 -32.86
CA PHE B 162 -23.69 -14.70 -31.70
C PHE B 162 -22.99 -13.38 -31.49
N ASN B 163 -23.74 -12.29 -31.67
CA ASN B 163 -23.21 -10.93 -31.64
C ASN B 163 -22.78 -10.43 -30.28
N SER B 164 -21.57 -9.85 -30.31
CA SER B 164 -20.81 -9.27 -29.21
C SER B 164 -21.42 -7.93 -28.81
N HIS B 165 -21.91 -7.83 -27.56
CA HIS B 165 -22.54 -6.61 -27.03
C HIS B 165 -22.48 -6.55 -25.47
N ASN B 166 -22.90 -5.40 -24.89
CA ASN B 166 -22.90 -5.06 -23.47
C ASN B 166 -24.22 -5.31 -22.73
N VAL B 167 -24.17 -6.12 -21.63
CA VAL B 167 -25.32 -6.43 -20.76
C VAL B 167 -25.20 -5.55 -19.51
N TYR B 168 -26.21 -4.71 -19.24
CA TYR B 168 -26.17 -3.79 -18.11
C TYR B 168 -26.78 -4.39 -16.86
N ILE B 169 -25.95 -4.46 -15.80
CA ILE B 169 -26.28 -5.04 -14.49
C ILE B 169 -26.70 -3.95 -13.48
N THR B 170 -27.84 -4.15 -12.82
CA THR B 170 -28.36 -3.26 -11.78
C THR B 170 -28.69 -4.08 -10.54
N ALA B 171 -28.52 -3.47 -9.37
CA ALA B 171 -28.82 -4.11 -8.10
C ALA B 171 -30.34 -4.22 -7.88
N ASP B 172 -30.75 -5.15 -7.01
CA ASP B 172 -32.12 -5.43 -6.57
C ASP B 172 -32.00 -5.68 -5.06
N LYS B 173 -31.76 -4.59 -4.31
CA LYS B 173 -31.51 -4.59 -2.87
C LYS B 173 -32.66 -5.21 -2.05
N GLN B 174 -33.93 -5.04 -2.51
CA GLN B 174 -35.15 -5.57 -1.87
C GLN B 174 -35.27 -7.09 -1.98
N LYS B 175 -34.61 -7.68 -3.00
CA LYS B 175 -34.59 -9.11 -3.28
C LYS B 175 -33.17 -9.64 -3.08
N ASN B 176 -32.27 -8.79 -2.53
CA ASN B 176 -30.85 -9.07 -2.28
C ASN B 176 -30.11 -9.61 -3.55
N GLY B 177 -30.63 -9.22 -4.71
CA GLY B 177 -30.13 -9.70 -5.98
C GLY B 177 -29.72 -8.68 -7.02
N ILE B 178 -29.72 -9.18 -8.26
CA ILE B 178 -29.29 -8.53 -9.45
C ILE B 178 -30.37 -8.64 -10.51
N LYS B 179 -30.44 -7.62 -11.37
CA LYS B 179 -31.39 -7.54 -12.47
C LYS B 179 -30.63 -7.08 -13.72
N ALA B 180 -31.09 -7.50 -14.91
CA ALA B 180 -30.52 -7.10 -16.19
C ALA B 180 -31.56 -7.20 -17.27
N ASN B 181 -31.63 -6.19 -18.14
CA ASN B 181 -32.57 -6.12 -19.25
C ASN B 181 -31.74 -5.71 -20.44
N PHE B 182 -31.66 -6.60 -21.42
CA PHE B 182 -30.85 -6.43 -22.63
C PHE B 182 -31.53 -7.09 -23.83
N LYS B 183 -31.21 -6.61 -25.03
CA LYS B 183 -31.74 -7.18 -26.26
C LYS B 183 -30.64 -7.97 -26.93
N ILE B 184 -31.03 -9.03 -27.66
CA ILE B 184 -30.09 -9.85 -28.43
C ILE B 184 -30.53 -9.81 -29.86
N ARG B 185 -29.60 -9.55 -30.77
CA ARG B 185 -29.93 -9.52 -32.19
C ARG B 185 -29.35 -10.76 -32.87
N HIS B 186 -30.23 -11.68 -33.28
CA HIS B 186 -29.86 -12.93 -33.94
C HIS B 186 -29.93 -12.68 -35.46
N ASN B 187 -28.88 -13.09 -36.20
CA ASN B 187 -28.92 -12.89 -37.63
C ASN B 187 -29.75 -13.95 -38.32
N VAL B 188 -30.61 -13.51 -39.24
CA VAL B 188 -31.46 -14.39 -40.00
C VAL B 188 -30.74 -14.64 -41.34
N GLU B 189 -30.79 -15.89 -41.82
CA GLU B 189 -30.11 -16.36 -43.03
C GLU B 189 -30.45 -15.56 -44.28
N ASP B 190 -31.68 -15.02 -44.37
CA ASP B 190 -32.14 -14.19 -45.50
C ASP B 190 -31.47 -12.80 -45.55
N GLY B 191 -31.01 -12.31 -44.40
CA GLY B 191 -30.36 -11.01 -44.26
C GLY B 191 -30.93 -10.17 -43.14
N SER B 192 -32.17 -10.50 -42.68
CA SER B 192 -32.84 -9.79 -41.59
C SER B 192 -32.26 -10.10 -40.21
N VAL B 193 -32.89 -9.52 -39.18
CA VAL B 193 -32.51 -9.66 -37.77
C VAL B 193 -33.72 -10.11 -36.93
N GLN B 194 -33.50 -11.11 -36.04
CA GLN B 194 -34.48 -11.63 -35.10
C GLN B 194 -34.07 -11.16 -33.69
N LEU B 195 -34.83 -10.23 -33.13
CA LEU B 195 -34.57 -9.68 -31.81
C LEU B 195 -35.14 -10.62 -30.73
N ALA B 196 -34.35 -10.81 -29.65
CA ALA B 196 -34.68 -11.59 -28.45
C ALA B 196 -34.50 -10.68 -27.21
N ASP B 197 -35.63 -10.28 -26.60
CA ASP B 197 -35.65 -9.42 -25.41
C ASP B 197 -35.52 -10.24 -24.14
N HIS B 198 -34.43 -9.92 -23.40
CA HIS B 198 -34.05 -10.56 -22.18
C HIS B 198 -34.34 -9.72 -20.97
N TYR B 199 -35.07 -10.34 -20.03
CA TYR B 199 -35.44 -9.78 -18.74
C TYR B 199 -34.92 -10.79 -17.72
N GLN B 200 -33.94 -10.38 -16.91
CA GLN B 200 -33.22 -11.23 -15.98
C GLN B 200 -33.29 -10.79 -14.50
N GLN B 201 -33.32 -11.82 -13.64
CA GLN B 201 -33.32 -11.72 -12.19
C GLN B 201 -32.47 -12.80 -11.64
N ASN B 202 -31.53 -12.41 -10.76
CA ASN B 202 -30.63 -13.29 -10.02
C ASN B 202 -30.77 -13.06 -8.55
N THR B 203 -30.92 -14.14 -7.77
CA THR B 203 -31.10 -14.10 -6.33
C THR B 203 -30.23 -15.16 -5.65
N PRO B 204 -29.57 -14.87 -4.50
CA PRO B 204 -28.72 -15.90 -3.88
C PRO B 204 -29.50 -17.08 -3.30
N ILE B 205 -28.89 -18.27 -3.29
CA ILE B 205 -29.49 -19.47 -2.74
C ILE B 205 -29.25 -19.46 -1.22
N GLY B 206 -27.99 -19.26 -0.83
CA GLY B 206 -27.56 -19.18 0.56
C GLY B 206 -28.04 -17.94 1.30
N ASP B 207 -27.78 -17.89 2.61
CA ASP B 207 -28.20 -16.78 3.46
C ASP B 207 -27.02 -15.87 3.83
N GLY B 208 -25.83 -16.23 3.34
CA GLY B 208 -24.61 -15.45 3.56
C GLY B 208 -24.65 -14.04 2.97
N PRO B 209 -23.70 -13.14 3.36
CA PRO B 209 -23.72 -11.78 2.78
C PRO B 209 -23.34 -11.84 1.30
N VAL B 210 -23.97 -10.98 0.49
CA VAL B 210 -23.75 -10.93 -0.95
C VAL B 210 -23.25 -9.51 -1.41
N LEU B 211 -22.36 -9.46 -2.46
CA LEU B 211 -21.85 -8.17 -2.98
C LEU B 211 -22.89 -7.55 -3.92
N LEU B 212 -23.59 -6.50 -3.46
CA LEU B 212 -24.58 -5.81 -4.31
C LEU B 212 -23.85 -4.71 -5.06
N PRO B 213 -23.89 -4.70 -6.42
CA PRO B 213 -23.08 -3.74 -7.17
C PRO B 213 -23.75 -2.43 -7.52
N ASP B 214 -22.93 -1.48 -7.94
CA ASP B 214 -23.37 -0.22 -8.49
C ASP B 214 -23.60 -0.58 -9.97
N ASN B 215 -24.45 0.15 -10.68
CA ASN B 215 -24.70 -0.09 -12.10
C ASN B 215 -23.40 -0.15 -12.89
N HIS B 216 -23.28 -1.17 -13.74
CA HIS B 216 -22.15 -1.44 -14.59
C HIS B 216 -22.60 -2.35 -15.72
N TYR B 217 -21.66 -2.80 -16.53
CA TYR B 217 -22.01 -3.69 -17.61
C TYR B 217 -20.98 -4.78 -17.83
N LEU B 218 -21.43 -5.83 -18.52
CA LEU B 218 -20.63 -6.99 -18.89
C LEU B 218 -20.52 -7.02 -20.41
N SER B 219 -19.29 -7.06 -20.91
CA SER B 219 -19.02 -7.07 -22.35
C SER B 219 -18.65 -8.47 -22.71
N THR B 220 -19.40 -9.06 -23.64
CA THR B 220 -19.24 -10.48 -23.98
C THR B 220 -19.08 -10.69 -25.48
N GLN B 221 -18.15 -11.60 -25.84
CA GLN B 221 -17.79 -11.95 -27.23
C GLN B 221 -17.86 -13.46 -27.37
N SER B 222 -18.64 -13.93 -28.36
CA SER B 222 -18.88 -15.37 -28.51
C SER B 222 -18.54 -15.91 -29.88
N VAL B 223 -17.97 -17.13 -29.92
CA VAL B 223 -17.60 -17.86 -31.13
C VAL B 223 -18.21 -19.25 -31.04
N LEU B 224 -19.10 -19.55 -32.00
CA LEU B 224 -19.81 -20.82 -32.13
C LEU B 224 -19.11 -21.65 -33.22
N SER B 225 -18.80 -22.92 -32.92
CA SER B 225 -18.07 -23.81 -33.85
C SER B 225 -18.60 -25.24 -33.77
N LYS B 226 -18.12 -26.10 -34.68
CA LYS B 226 -18.49 -27.51 -34.73
C LYS B 226 -17.26 -28.39 -34.61
N ASP B 227 -17.33 -29.44 -33.75
CA ASP B 227 -16.28 -30.44 -33.59
C ASP B 227 -16.38 -31.35 -34.83
N PRO B 228 -15.28 -31.53 -35.61
CA PRO B 228 -15.39 -32.32 -36.86
C PRO B 228 -15.71 -33.81 -36.71
N ASN B 229 -15.33 -34.42 -35.56
CA ASN B 229 -15.53 -35.84 -35.25
C ASN B 229 -16.78 -36.07 -34.37
N GLU B 230 -17.71 -35.09 -34.35
CA GLU B 230 -18.94 -35.19 -33.55
C GLU B 230 -20.17 -35.41 -34.41
N LYS B 231 -20.72 -36.62 -34.34
CA LYS B 231 -21.90 -37.02 -35.11
C LYS B 231 -23.22 -36.57 -34.45
N ARG B 232 -23.20 -36.23 -33.14
CA ARG B 232 -24.40 -35.74 -32.41
C ARG B 232 -24.64 -34.23 -32.71
N ASP B 233 -25.89 -33.75 -32.53
CA ASP B 233 -26.23 -32.34 -32.70
C ASP B 233 -25.58 -31.61 -31.55
N HIS B 234 -24.63 -30.74 -31.86
CA HIS B 234 -23.83 -30.12 -30.83
C HIS B 234 -23.46 -28.67 -31.11
N MET B 235 -22.70 -28.07 -30.19
CA MET B 235 -22.17 -26.72 -30.30
C MET B 235 -20.94 -26.58 -29.45
N VAL B 236 -19.84 -26.17 -30.06
CA VAL B 236 -18.61 -25.83 -29.35
C VAL B 236 -18.74 -24.31 -29.22
N LEU B 237 -18.64 -23.81 -27.98
CA LEU B 237 -18.80 -22.41 -27.65
C LEU B 237 -17.58 -21.87 -26.90
N LEU B 238 -17.12 -20.70 -27.38
CA LEU B 238 -16.00 -19.95 -26.82
C LEU B 238 -16.48 -18.55 -26.45
N GLU B 239 -16.25 -18.12 -25.19
CA GLU B 239 -16.68 -16.80 -24.74
C GLU B 239 -15.61 -16.05 -24.02
N PHE B 240 -15.60 -14.74 -24.23
CA PHE B 240 -14.73 -13.79 -23.58
C PHE B 240 -15.63 -12.74 -22.95
N VAL B 241 -15.56 -12.60 -21.61
CA VAL B 241 -16.43 -11.68 -20.86
C VAL B 241 -15.64 -10.82 -19.87
N THR B 242 -15.89 -9.50 -19.92
CA THR B 242 -15.23 -8.55 -19.06
C THR B 242 -16.23 -7.55 -18.49
N ALA B 243 -16.09 -7.27 -17.20
CA ALA B 243 -16.93 -6.28 -16.54
C ALA B 243 -16.28 -4.92 -16.74
N ALA B 244 -17.11 -3.87 -16.93
CA ALA B 244 -16.67 -2.47 -17.11
C ALA B 244 -17.80 -1.53 -16.70
N GLY B 245 -17.58 -0.22 -16.82
CA GLY B 245 -18.60 0.79 -16.54
C GLY B 245 -18.57 1.48 -15.17
N ILE B 246 -17.53 1.17 -14.35
CA ILE B 246 -17.27 1.79 -13.04
C ILE B 246 -15.79 2.28 -13.02
N THR B 247 -15.57 3.58 -12.74
CA THR B 247 -14.24 4.23 -12.71
C THR B 247 -13.48 4.08 -11.36
N HIS B 248 -12.18 4.42 -11.38
CA HIS B 248 -11.26 4.39 -10.24
C HIS B 248 -11.61 5.49 -9.23
N GLY C 3 -7.58 19.14 -12.64
CA GLY C 3 -7.25 19.55 -14.00
C GLY C 3 -7.75 18.57 -15.04
N SER C 4 -7.85 19.02 -16.32
CA SER C 4 -8.34 18.19 -17.42
C SER C 4 -7.58 18.38 -18.77
N GLU C 5 -6.33 18.89 -18.71
CA GLU C 5 -5.46 19.10 -19.88
C GLU C 5 -4.12 18.35 -19.70
N LEU C 6 -4.18 17.23 -18.96
CA LEU C 6 -3.07 16.33 -18.63
C LEU C 6 -2.48 15.58 -19.84
N PRO C 7 -3.24 15.08 -20.85
CA PRO C 7 -2.60 14.36 -21.98
C PRO C 7 -1.72 15.26 -22.85
N GLN C 8 -2.06 16.56 -22.93
CA GLN C 8 -1.30 17.57 -23.66
C GLN C 8 0.02 17.87 -22.94
N MET C 9 0.03 17.76 -21.59
CA MET C 9 1.21 17.97 -20.75
C MET C 9 2.26 16.87 -20.96
N VAL C 10 1.83 15.61 -21.06
CA VAL C 10 2.69 14.44 -21.29
C VAL C 10 3.31 14.53 -22.70
N GLN C 11 2.55 15.10 -23.67
CA GLN C 11 3.00 15.35 -25.04
C GLN C 11 4.06 16.48 -25.03
N GLN C 12 3.90 17.46 -24.12
CA GLN C 12 4.83 18.58 -23.96
C GLN C 12 6.10 18.17 -23.21
N LEU C 13 6.09 17.02 -22.50
CA LEU C 13 7.24 16.48 -21.76
C LEU C 13 8.32 15.99 -22.73
N ASN C 14 7.93 15.64 -23.96
CA ASN C 14 8.87 15.23 -25.00
C ASN C 14 8.99 16.32 -26.09
N SER C 15 9.03 17.59 -25.65
CA SER C 15 9.17 18.74 -26.53
C SER C 15 10.66 19.14 -26.61
N PRO C 16 11.18 19.49 -27.81
CA PRO C 16 12.60 19.88 -27.90
C PRO C 16 12.94 21.23 -27.26
N ASP C 17 11.93 22.12 -27.07
CA ASP C 17 12.09 23.44 -26.45
C ASP C 17 11.86 23.35 -24.92
N GLN C 18 12.87 23.80 -24.14
CA GLN C 18 12.93 23.76 -22.68
C GLN C 18 11.75 24.47 -21.95
N GLN C 19 11.21 25.57 -22.51
CA GLN C 19 10.11 26.32 -21.88
C GLN C 19 8.77 25.57 -21.92
N GLU C 20 8.53 24.85 -23.04
CA GLU C 20 7.33 24.05 -23.29
C GLU C 20 7.38 22.73 -22.49
N LEU C 21 8.61 22.24 -22.17
CA LEU C 21 8.84 21.00 -21.44
C LEU C 21 9.05 21.23 -19.90
N GLN C 22 9.22 22.50 -19.44
CA GLN C 22 9.37 22.80 -18.01
C GLN C 22 8.10 23.48 -17.39
N SER C 23 7.17 23.98 -18.24
CA SER C 23 5.90 24.54 -17.75
C SER C 23 4.97 23.39 -17.38
N ALA C 24 4.83 22.37 -18.27
CA ALA C 24 4.02 21.17 -18.10
C ALA C 24 4.62 20.25 -17.02
N LEU C 25 5.95 20.34 -16.81
CA LEU C 25 6.72 19.59 -15.81
C LEU C 25 6.38 20.12 -14.43
N ARG C 26 6.48 21.46 -14.23
CA ARG C 26 6.17 22.18 -12.98
C ARG C 26 4.69 22.00 -12.59
N LYS C 27 3.78 22.02 -13.60
CA LYS C 27 2.33 21.82 -13.45
C LYS C 27 2.00 20.37 -13.06
N LEU C 28 2.70 19.37 -13.65
CA LEU C 28 2.48 17.95 -13.32
C LEU C 28 2.92 17.61 -11.91
N SER C 29 4.07 18.19 -11.45
CA SER C 29 4.63 18.01 -10.10
C SER C 29 3.70 18.55 -9.02
N GLN C 30 3.00 19.68 -9.32
CA GLN C 30 2.02 20.30 -8.44
C GLN C 30 0.70 19.52 -8.44
N ILE C 31 0.34 18.87 -9.59
CA ILE C 31 -0.83 17.98 -9.64
C ILE C 31 -0.48 16.71 -8.86
N ALA C 32 0.80 16.29 -8.93
CA ALA C 32 1.35 15.13 -8.22
C ALA C 32 1.54 15.45 -6.73
N SER C 33 1.53 16.74 -6.34
CA SER C 33 1.67 17.14 -4.94
C SER C 33 0.34 16.93 -4.17
N GLY C 34 -0.77 16.85 -4.92
CA GLY C 34 -2.11 16.64 -4.39
C GLY C 34 -2.39 15.24 -3.88
N GLY C 35 -3.67 14.90 -3.78
CA GLY C 35 -4.14 13.60 -3.29
C GLY C 35 -3.73 12.41 -4.14
N ASN C 36 -3.94 11.19 -3.59
CA ASN C 36 -3.62 9.94 -4.27
C ASN C 36 -4.46 9.75 -5.55
N GLU C 37 -5.66 10.37 -5.60
CA GLU C 37 -6.57 10.38 -6.75
C GLU C 37 -5.94 11.19 -7.90
N GLN C 38 -5.24 12.29 -7.55
CA GLN C 38 -4.53 13.18 -8.49
C GLN C 38 -3.26 12.51 -9.04
N ILE C 39 -2.56 11.74 -8.17
CA ILE C 39 -1.37 10.96 -8.54
C ILE C 39 -1.75 9.89 -9.59
N GLN C 40 -2.96 9.26 -9.46
CA GLN C 40 -3.43 8.27 -10.44
C GLN C 40 -3.59 8.91 -11.83
N ALA C 41 -4.28 10.08 -11.88
CA ALA C 41 -4.53 10.85 -13.10
C ALA C 41 -3.26 11.19 -13.89
N VAL C 42 -2.13 11.40 -13.18
CA VAL C 42 -0.86 11.70 -13.85
C VAL C 42 -0.23 10.39 -14.39
N ILE C 43 -0.38 9.26 -13.64
CA ILE C 43 0.09 7.91 -14.02
C ILE C 43 -0.71 7.41 -15.23
N ASP C 44 -2.06 7.48 -15.14
CA ASP C 44 -3.01 7.08 -16.19
C ASP C 44 -2.81 7.83 -17.51
N ALA C 45 -2.29 9.08 -17.44
CA ALA C 45 -1.95 9.91 -18.62
C ALA C 45 -0.59 9.50 -19.22
N GLY C 46 0.16 8.64 -18.50
CA GLY C 46 1.45 8.09 -18.91
C GLY C 46 2.62 9.02 -18.83
N ALA C 47 2.68 9.84 -17.77
CA ALA C 47 3.76 10.81 -17.54
C ALA C 47 5.06 10.15 -17.08
N LEU C 48 4.94 8.97 -16.48
CA LEU C 48 6.01 8.21 -15.84
C LEU C 48 7.20 7.88 -16.76
N PRO C 49 7.05 7.25 -17.96
CA PRO C 49 8.23 6.97 -18.77
C PRO C 49 8.97 8.24 -19.22
N ALA C 50 8.23 9.34 -19.49
CA ALA C 50 8.82 10.64 -19.87
C ALA C 50 9.63 11.22 -18.72
N LEU C 51 9.12 11.14 -17.47
CA LEU C 51 9.81 11.60 -16.27
C LEU C 51 11.05 10.75 -15.99
N VAL C 52 10.98 9.42 -16.24
CA VAL C 52 12.09 8.49 -16.04
C VAL C 52 13.22 8.82 -17.04
N GLN C 53 12.87 9.04 -18.32
CA GLN C 53 13.80 9.42 -19.37
C GLN C 53 14.47 10.77 -19.01
N LEU C 54 13.68 11.69 -18.46
CA LEU C 54 14.08 13.03 -18.00
C LEU C 54 15.13 13.03 -16.85
N LEU C 55 15.35 11.90 -16.17
CA LEU C 55 16.34 11.77 -15.09
C LEU C 55 17.77 11.72 -15.65
N SER C 56 17.90 11.25 -16.90
CA SER C 56 19.17 11.17 -17.62
C SER C 56 19.34 12.41 -18.53
N SER C 57 18.73 13.54 -18.12
CA SER C 57 18.80 14.79 -18.85
C SER C 57 20.05 15.57 -18.47
N PRO C 58 20.78 16.15 -19.47
CA PRO C 58 21.97 16.95 -19.13
C PRO C 58 21.66 18.34 -18.56
N ASN C 59 20.36 18.69 -18.43
CA ASN C 59 19.94 19.95 -17.82
C ASN C 59 19.49 19.68 -16.38
N GLU C 60 20.14 20.37 -15.45
CA GLU C 60 19.91 20.28 -14.02
C GLU C 60 18.52 20.74 -13.59
N GLN C 61 17.98 21.80 -14.23
CA GLN C 61 16.65 22.32 -13.92
C GLN C 61 15.54 21.37 -14.38
N ILE C 62 15.79 20.61 -15.47
CA ILE C 62 14.87 19.60 -15.96
C ILE C 62 14.98 18.38 -15.02
N LEU C 63 16.23 17.92 -14.77
CA LEU C 63 16.54 16.80 -13.88
C LEU C 63 15.93 16.99 -12.50
N GLN C 64 16.15 18.15 -11.82
CA GLN C 64 15.60 18.40 -10.49
C GLN C 64 14.07 18.45 -10.48
N GLU C 65 13.44 18.98 -11.56
CA GLU C 65 11.97 19.07 -11.69
C GLU C 65 11.36 17.69 -11.92
N ALA C 66 11.99 16.85 -12.75
CA ALA C 66 11.57 15.48 -13.02
C ALA C 66 11.60 14.72 -11.67
N LEU C 67 12.65 14.96 -10.86
CA LEU C 67 12.80 14.41 -9.53
C LEU C 67 11.65 14.88 -8.61
N TRP C 68 11.30 16.21 -8.63
CA TRP C 68 10.20 16.82 -7.84
C TRP C 68 8.88 16.14 -8.17
N ALA C 69 8.68 15.79 -9.46
CA ALA C 69 7.47 15.14 -9.95
C ALA C 69 7.41 13.69 -9.50
N LEU C 70 8.52 12.93 -9.68
CA LEU C 70 8.54 11.53 -9.30
C LEU C 70 8.48 11.33 -7.82
N SER C 71 9.23 12.14 -7.02
CA SER C 71 9.22 12.06 -5.54
C SER C 71 7.83 12.37 -4.97
N ASN C 72 7.00 13.15 -5.71
CA ASN C 72 5.62 13.50 -5.38
C ASN C 72 4.63 12.38 -5.72
N ILE C 73 4.91 11.62 -6.80
CA ILE C 73 4.08 10.46 -7.19
C ILE C 73 4.38 9.32 -6.19
N ALA C 74 5.67 9.22 -5.79
CA ALA C 74 6.26 8.27 -4.84
C ALA C 74 5.75 8.44 -3.40
N SER C 75 5.04 9.55 -3.13
CA SER C 75 4.47 9.85 -1.82
C SER C 75 3.01 9.29 -1.71
N GLY C 76 2.59 8.51 -2.70
CA GLY C 76 1.27 7.89 -2.74
C GLY C 76 1.31 6.51 -2.12
N GLY C 77 0.30 5.71 -2.42
CA GLY C 77 0.18 4.35 -1.90
C GLY C 77 1.15 3.39 -2.56
N ASN C 78 1.12 2.13 -2.14
CA ASN C 78 1.96 1.09 -2.69
C ASN C 78 1.70 0.93 -4.20
N GLU C 79 0.43 1.10 -4.62
CA GLU C 79 -0.08 1.01 -6.00
C GLU C 79 0.58 2.11 -6.88
N GLN C 80 0.72 3.33 -6.34
CA GLN C 80 1.33 4.49 -7.01
C GLN C 80 2.85 4.38 -7.09
N ILE C 81 3.50 3.90 -6.01
CA ILE C 81 4.95 3.68 -5.86
C ILE C 81 5.38 2.58 -6.85
N GLN C 82 4.58 1.52 -6.96
CA GLN C 82 4.87 0.42 -7.86
C GLN C 82 5.01 0.88 -9.30
N ALA C 83 4.12 1.77 -9.74
CA ALA C 83 4.14 2.35 -11.06
C ALA C 83 5.48 3.07 -11.40
N VAL C 84 6.12 3.80 -10.43
CA VAL C 84 7.44 4.45 -10.67
C VAL C 84 8.52 3.35 -10.73
N ILE C 85 8.44 2.32 -9.86
CA ILE C 85 9.39 1.20 -9.84
C ILE C 85 9.34 0.52 -11.22
N ASP C 86 8.13 0.15 -11.65
CA ASP C 86 7.84 -0.50 -12.92
C ASP C 86 8.21 0.33 -14.13
N ALA C 87 8.16 1.68 -14.02
CA ALA C 87 8.55 2.60 -15.08
C ALA C 87 10.08 2.65 -15.26
N GLY C 88 10.80 2.00 -14.33
CA GLY C 88 12.25 1.87 -14.30
C GLY C 88 13.00 3.05 -13.72
N ALA C 89 12.35 3.82 -12.81
CA ALA C 89 12.96 5.01 -12.22
C ALA C 89 14.06 4.74 -11.20
N LEU C 90 14.04 3.54 -10.55
CA LEU C 90 14.96 3.15 -9.49
C LEU C 90 16.45 3.17 -9.88
N PRO C 91 16.93 2.53 -10.98
CA PRO C 91 18.36 2.63 -11.32
C PRO C 91 18.84 4.07 -11.55
N ALA C 92 18.00 4.92 -12.20
CA ALA C 92 18.33 6.32 -12.41
C ALA C 92 18.41 7.09 -11.09
N LEU C 93 17.54 6.75 -10.10
CA LEU C 93 17.52 7.39 -8.77
C LEU C 93 18.73 7.02 -7.93
N VAL C 94 19.21 5.77 -8.06
CA VAL C 94 20.36 5.25 -7.32
C VAL C 94 21.66 5.87 -7.87
N GLN C 95 21.71 6.09 -9.20
CA GLN C 95 22.85 6.70 -9.87
C GLN C 95 22.99 8.17 -9.50
N LEU C 96 21.84 8.83 -9.19
CA LEU C 96 21.76 10.23 -8.75
C LEU C 96 22.18 10.45 -7.29
N LEU C 97 22.49 9.38 -6.53
CA LEU C 97 22.97 9.48 -5.16
C LEU C 97 24.49 9.75 -5.13
N SER C 98 25.09 9.79 -6.33
CA SER C 98 26.49 10.09 -6.58
C SER C 98 26.60 11.44 -7.27
N SER C 99 25.48 12.19 -7.40
CA SER C 99 25.48 13.53 -8.02
C SER C 99 26.31 14.52 -7.20
N PRO C 100 27.14 15.33 -7.87
CA PRO C 100 27.89 16.34 -7.12
C PRO C 100 26.98 17.53 -6.76
N ASN C 101 25.78 17.63 -7.38
CA ASN C 101 24.79 18.67 -7.12
C ASN C 101 23.95 18.21 -5.93
N GLU C 102 24.16 18.88 -4.79
CA GLU C 102 23.48 18.68 -3.50
C GLU C 102 21.96 18.76 -3.64
N GLN C 103 21.48 19.70 -4.47
CA GLN C 103 20.07 19.96 -4.77
C GLN C 103 19.38 18.76 -5.45
N ILE C 104 20.13 18.01 -6.31
CA ILE C 104 19.68 16.80 -7.01
C ILE C 104 19.80 15.56 -6.07
N LEU C 105 20.84 15.58 -5.21
CA LEU C 105 21.22 14.57 -4.21
C LEU C 105 20.17 14.52 -3.08
N GLN C 106 19.50 15.64 -2.83
CA GLN C 106 18.45 15.76 -1.82
C GLN C 106 17.12 15.26 -2.38
N GLU C 107 16.75 15.68 -3.60
CA GLU C 107 15.51 15.25 -4.26
C GLU C 107 15.47 13.75 -4.49
N ALA C 108 16.62 13.17 -4.91
CA ALA C 108 16.76 11.73 -5.17
C ALA C 108 16.49 10.95 -3.89
N LEU C 109 17.03 11.45 -2.75
CA LEU C 109 16.86 10.90 -1.41
C LEU C 109 15.41 10.97 -0.96
N TRP C 110 14.73 12.11 -1.21
CA TRP C 110 13.31 12.30 -0.87
C TRP C 110 12.43 11.29 -1.65
N ALA C 111 12.81 11.02 -2.89
CA ALA C 111 12.13 10.05 -3.71
C ALA C 111 12.43 8.64 -3.18
N LEU C 112 13.70 8.35 -2.80
CA LEU C 112 14.10 7.02 -2.31
C LEU C 112 13.51 6.66 -0.95
N SER C 113 13.42 7.64 0.00
CA SER C 113 12.80 7.41 1.31
C SER C 113 11.31 7.17 1.18
N ASN C 114 10.65 7.83 0.20
CA ASN C 114 9.22 7.67 -0.11
C ASN C 114 8.94 6.32 -0.72
N ILE C 115 9.82 5.84 -1.62
CA ILE C 115 9.66 4.51 -2.21
C ILE C 115 9.81 3.45 -1.10
N ALA C 116 10.85 3.57 -0.27
CA ALA C 116 11.13 2.66 0.84
C ALA C 116 10.14 2.78 2.03
N SER C 117 9.16 3.68 1.94
CA SER C 117 8.12 3.85 2.95
C SER C 117 6.88 2.96 2.60
N GLY C 118 6.98 2.28 1.43
CA GLY C 118 5.97 1.38 0.89
C GLY C 118 6.09 -0.01 1.46
N GLY C 119 5.65 -1.01 0.68
CA GLY C 119 5.67 -2.42 1.08
C GLY C 119 7.05 -3.04 1.10
N ASN C 120 7.17 -4.21 1.74
CA ASN C 120 8.45 -4.93 1.83
C ASN C 120 9.02 -5.29 0.41
N GLU C 121 8.12 -5.54 -0.58
N GLU C 121 8.11 -5.51 -0.58
CA GLU C 121 8.47 -5.86 -1.96
CA GLU C 121 8.43 -5.81 -1.99
C GLU C 121 9.01 -4.62 -2.69
C GLU C 121 9.04 -4.59 -2.67
N GLN C 122 8.67 -3.42 -2.19
CA GLN C 122 9.10 -2.11 -2.67
C GLN C 122 10.38 -1.72 -1.96
N ILE C 123 10.53 -2.14 -0.67
CA ILE C 123 11.77 -1.95 0.10
C ILE C 123 12.86 -2.81 -0.59
N GLN C 124 12.56 -4.09 -0.86
CA GLN C 124 13.48 -5.02 -1.54
C GLN C 124 13.90 -4.51 -2.91
N ALA C 125 12.95 -3.95 -3.70
CA ALA C 125 13.25 -3.37 -5.02
C ALA C 125 14.34 -2.32 -4.93
N VAL C 126 14.30 -1.49 -3.85
CA VAL C 126 15.29 -0.45 -3.55
C VAL C 126 16.66 -1.08 -3.25
N ILE C 127 16.68 -2.12 -2.37
CA ILE C 127 17.87 -2.88 -1.98
C ILE C 127 18.54 -3.50 -3.22
N ASP C 128 17.71 -4.13 -4.08
CA ASP C 128 18.14 -4.80 -5.31
C ASP C 128 18.74 -3.81 -6.33
N ALA C 129 18.19 -2.57 -6.40
CA ALA C 129 18.69 -1.47 -7.24
C ALA C 129 20.08 -0.98 -6.72
N GLY C 130 20.42 -1.41 -5.50
CA GLY C 130 21.68 -1.14 -4.83
C GLY C 130 21.78 0.23 -4.21
N ALA C 131 20.73 0.68 -3.51
CA ALA C 131 20.76 2.00 -2.87
C ALA C 131 21.52 2.01 -1.55
N LEU C 132 21.59 0.84 -0.88
CA LEU C 132 22.24 0.69 0.43
C LEU C 132 23.71 1.11 0.46
N PRO C 133 24.61 0.66 -0.46
CA PRO C 133 26.01 1.14 -0.42
C PRO C 133 26.16 2.66 -0.51
N ALA C 134 25.21 3.33 -1.20
CA ALA C 134 25.18 4.78 -1.39
C ALA C 134 24.65 5.54 -0.18
N LEU C 135 23.58 5.03 0.49
CA LEU C 135 22.99 5.67 1.67
C LEU C 135 23.96 5.64 2.87
N VAL C 136 24.76 4.54 2.99
CA VAL C 136 25.75 4.38 4.05
C VAL C 136 26.89 5.40 3.84
N GLN C 137 27.24 5.69 2.56
CA GLN C 137 28.26 6.67 2.19
C GLN C 137 27.75 8.05 2.60
N LEU C 138 26.48 8.33 2.25
CA LEU C 138 25.74 9.56 2.54
C LEU C 138 25.64 9.91 4.05
N LEU C 139 25.97 8.95 4.95
CA LEU C 139 25.97 9.21 6.39
C LEU C 139 27.23 9.98 6.85
N SER C 140 28.30 9.97 6.03
CA SER C 140 29.56 10.68 6.30
C SER C 140 29.49 12.15 5.84
N SER C 141 28.40 12.53 5.14
CA SER C 141 28.14 13.86 4.59
C SER C 141 28.18 15.00 5.61
N PRO C 142 28.81 16.14 5.24
CA PRO C 142 28.86 17.28 6.17
C PRO C 142 27.55 18.09 6.19
N ASN C 143 26.65 17.78 5.24
CA ASN C 143 25.35 18.41 5.04
C ASN C 143 24.30 17.72 5.90
N GLU C 144 23.85 18.40 6.98
CA GLU C 144 22.85 17.90 7.93
C GLU C 144 21.55 17.45 7.25
N GLN C 145 21.05 18.18 6.21
CA GLN C 145 19.84 17.81 5.44
C GLN C 145 20.04 16.50 4.67
N ILE C 146 21.25 16.29 4.06
CA ILE C 146 21.60 15.03 3.37
C ILE C 146 21.56 13.89 4.42
N LEU C 147 22.24 14.12 5.58
CA LEU C 147 22.33 13.19 6.70
C LEU C 147 20.97 12.83 7.26
N GLN C 148 20.07 13.82 7.36
CA GLN C 148 18.70 13.61 7.80
C GLN C 148 17.99 12.70 6.80
N GLU C 149 17.95 13.08 5.51
CA GLU C 149 17.27 12.34 4.45
C GLU C 149 17.72 10.89 4.32
N ALA C 150 19.06 10.66 4.38
CA ALA C 150 19.70 9.34 4.28
C ALA C 150 19.32 8.47 5.46
N LEU C 151 19.23 9.05 6.67
CA LEU C 151 18.81 8.31 7.87
C LEU C 151 17.33 7.97 7.84
N TRP C 152 16.50 8.88 7.30
CA TRP C 152 15.08 8.61 7.16
C TRP C 152 14.88 7.44 6.17
N ALA C 153 15.62 7.45 5.03
CA ALA C 153 15.58 6.38 4.03
C ALA C 153 15.98 5.02 4.63
N LEU C 154 17.15 4.95 5.33
CA LEU C 154 17.67 3.76 6.01
C LEU C 154 16.76 3.26 7.13
N SER C 155 16.11 4.20 7.86
CA SER C 155 15.19 3.85 8.96
C SER C 155 13.96 3.14 8.43
N ASN C 156 13.51 3.53 7.23
CA ASN C 156 12.39 2.90 6.51
C ASN C 156 12.76 1.53 5.96
N ILE C 157 13.97 1.36 5.36
CA ILE C 157 14.45 0.08 4.82
C ILE C 157 14.60 -0.95 5.97
N ALA C 158 15.04 -0.46 7.17
CA ALA C 158 15.25 -1.26 8.38
C ALA C 158 13.95 -1.72 9.10
N SER C 159 12.79 -1.18 8.66
CA SER C 159 11.47 -1.53 9.21
C SER C 159 10.88 -2.71 8.42
N GLY C 160 11.64 -3.23 7.46
CA GLY C 160 11.25 -4.37 6.63
C GLY C 160 11.48 -5.69 7.33
N GLY C 161 11.64 -6.76 6.54
CA GLY C 161 11.92 -8.10 7.05
C GLY C 161 13.32 -8.19 7.65
N ASN C 162 13.58 -9.27 8.43
CA ASN C 162 14.91 -9.46 9.03
C ASN C 162 16.01 -9.64 7.96
N GLU C 163 15.66 -10.13 6.75
CA GLU C 163 16.59 -10.26 5.60
C GLU C 163 16.94 -8.87 4.99
N GLN C 164 16.08 -7.89 5.25
CA GLN C 164 16.23 -6.51 4.80
C GLN C 164 17.01 -5.69 5.83
N ILE C 165 16.82 -6.04 7.13
CA ILE C 165 17.59 -5.46 8.25
C ILE C 165 19.07 -5.87 8.05
N GLN C 166 19.31 -7.17 7.74
CA GLN C 166 20.63 -7.75 7.50
C GLN C 166 21.30 -7.09 6.31
N ALA C 167 20.53 -6.75 5.26
CA ALA C 167 21.05 -6.05 4.07
C ALA C 167 21.70 -4.74 4.50
N VAL C 168 21.02 -3.96 5.38
CA VAL C 168 21.48 -2.70 5.98
C VAL C 168 22.76 -2.93 6.83
N ILE C 169 22.76 -4.01 7.66
CA ILE C 169 23.88 -4.40 8.53
C ILE C 169 25.14 -4.73 7.70
N ASP C 170 24.96 -5.57 6.67
CA ASP C 170 26.03 -5.99 5.77
C ASP C 170 26.55 -4.84 4.88
N ALA C 171 25.77 -3.75 4.76
CA ALA C 171 26.14 -2.54 4.03
C ALA C 171 27.03 -1.65 4.95
N GLY C 172 27.13 -2.06 6.21
CA GLY C 172 27.95 -1.43 7.25
C GLY C 172 27.42 -0.11 7.76
N ALA C 173 26.09 0.00 7.94
CA ALA C 173 25.44 1.23 8.42
C ALA C 173 25.67 1.50 9.91
N LEU C 174 25.85 0.43 10.70
CA LEU C 174 26.04 0.42 12.15
C LEU C 174 27.18 1.34 12.68
N PRO C 175 28.45 1.31 12.14
CA PRO C 175 29.48 2.23 12.69
C PRO C 175 29.12 3.70 12.54
N ALA C 176 28.56 4.05 11.37
CA ALA C 176 28.11 5.40 11.06
C ALA C 176 26.93 5.79 11.98
N LEU C 177 26.03 4.83 12.25
CA LEU C 177 24.87 4.99 13.11
C LEU C 177 25.21 5.18 14.57
N VAL C 178 26.18 4.43 15.10
CA VAL C 178 26.59 4.54 16.51
C VAL C 178 27.38 5.84 16.74
N GLN C 179 28.08 6.31 15.70
CA GLN C 179 28.83 7.55 15.69
C GLN C 179 27.82 8.71 15.84
N LEU C 180 26.68 8.60 15.15
CA LEU C 180 25.62 9.60 15.15
C LEU C 180 24.81 9.66 16.49
N LEU C 181 25.04 8.73 17.44
CA LEU C 181 24.36 8.74 18.75
C LEU C 181 24.92 9.80 19.70
N SER C 182 26.09 10.34 19.38
CA SER C 182 26.78 11.37 20.16
C SER C 182 26.50 12.79 19.63
N SER C 183 26.05 12.86 18.36
CA SER C 183 25.71 14.06 17.57
C SER C 183 25.04 15.20 18.34
N PRO C 184 25.47 16.48 18.11
CA PRO C 184 24.83 17.60 18.83
C PRO C 184 23.42 17.89 18.32
N ASN C 185 23.18 17.59 17.02
CA ASN C 185 21.88 17.71 16.36
C ASN C 185 20.92 16.68 16.94
N GLU C 186 19.82 17.21 17.48
CA GLU C 186 18.74 16.48 18.14
C GLU C 186 17.99 15.60 17.14
N GLN C 187 17.53 16.17 16.00
CA GLN C 187 16.80 15.46 14.94
C GLN C 187 17.60 14.28 14.39
N ILE C 188 18.90 14.50 14.05
CA ILE C 188 19.83 13.46 13.56
C ILE C 188 20.00 12.35 14.62
N LEU C 189 19.96 12.69 15.92
CA LEU C 189 20.03 11.70 16.99
C LEU C 189 18.74 10.88 17.05
N GLN C 190 17.57 11.54 16.96
CA GLN C 190 16.26 10.89 16.96
C GLN C 190 16.15 9.90 15.79
N GLU C 191 16.75 10.24 14.65
CA GLU C 191 16.75 9.42 13.44
C GLU C 191 17.68 8.22 13.54
N ALA C 192 18.84 8.40 14.19
CA ALA C 192 19.82 7.33 14.41
C ALA C 192 19.23 6.33 15.38
N LEU C 193 18.58 6.83 16.45
CA LEU C 193 17.89 6.01 17.44
C LEU C 193 16.75 5.23 16.77
N TRP C 194 16.07 5.87 15.78
CA TRP C 194 14.99 5.23 15.05
C TRP C 194 15.52 4.07 14.21
N ALA C 195 16.53 4.29 13.34
CA ALA C 195 17.16 3.26 12.51
C ALA C 195 17.73 2.08 13.33
N LEU C 196 18.42 2.37 14.45
CA LEU C 196 19.00 1.34 15.31
C LEU C 196 17.94 0.54 16.00
N SER C 197 16.83 1.18 16.44
CA SER C 197 15.70 0.51 17.10
C SER C 197 15.09 -0.52 16.18
N ASN C 198 15.02 -0.20 14.87
CA ASN C 198 14.51 -1.11 13.85
C ASN C 198 15.47 -2.27 13.62
N ILE C 199 16.78 -1.98 13.54
CA ILE C 199 17.80 -3.02 13.37
C ILE C 199 17.83 -3.97 14.61
N ALA C 200 17.63 -3.39 15.80
CA ALA C 200 17.59 -4.12 17.08
C ALA C 200 16.32 -4.94 17.26
N SER C 201 15.30 -4.75 16.39
CA SER C 201 14.05 -5.50 16.49
C SER C 201 14.07 -6.81 15.69
N GLY C 202 15.21 -7.11 15.07
CA GLY C 202 15.45 -8.30 14.28
C GLY C 202 15.84 -9.52 15.10
N GLY C 203 16.50 -10.49 14.44
CA GLY C 203 16.98 -11.72 15.06
C GLY C 203 18.12 -11.49 16.01
N ASN C 204 18.35 -12.42 16.97
CA ASN C 204 19.41 -12.31 18.00
C ASN C 204 20.77 -11.89 17.41
N GLU C 205 21.16 -12.43 16.23
CA GLU C 205 22.41 -12.12 15.51
C GLU C 205 22.51 -10.62 15.15
N GLN C 206 21.40 -10.09 14.64
CA GLN C 206 21.22 -8.70 14.24
C GLN C 206 21.22 -7.79 15.47
N ILE C 207 20.65 -8.28 16.61
CA ILE C 207 20.65 -7.62 17.92
C ILE C 207 22.11 -7.56 18.43
N GLN C 208 22.89 -8.65 18.23
CA GLN C 208 24.30 -8.75 18.63
C GLN C 208 25.18 -7.81 17.81
N ALA C 209 24.89 -7.64 16.50
CA ALA C 209 25.63 -6.77 15.58
C ALA C 209 25.58 -5.29 16.05
N VAL C 210 24.43 -4.90 16.62
CA VAL C 210 24.17 -3.58 17.21
C VAL C 210 25.11 -3.43 18.44
N ILE C 211 25.13 -4.44 19.34
CA ILE C 211 25.98 -4.51 20.54
C ILE C 211 27.49 -4.40 20.12
N ASP C 212 27.92 -5.24 19.13
CA ASP C 212 29.26 -5.34 18.54
C ASP C 212 29.75 -4.00 17.97
N ALA C 213 28.83 -3.18 17.42
CA ALA C 213 29.08 -1.84 16.86
C ALA C 213 29.38 -0.81 17.96
N GLY C 214 29.08 -1.16 19.21
CA GLY C 214 29.30 -0.34 20.39
C GLY C 214 28.16 0.61 20.69
N ALA C 215 26.92 0.16 20.44
CA ALA C 215 25.73 0.97 20.66
C ALA C 215 25.33 1.11 22.11
N LEU C 216 25.50 0.03 22.93
CA LEU C 216 25.10 -0.03 24.33
C LEU C 216 25.56 1.14 25.25
N PRO C 217 26.87 1.57 25.31
CA PRO C 217 27.24 2.67 26.22
C PRO C 217 26.54 3.99 25.87
N ALA C 218 26.41 4.27 24.57
CA ALA C 218 25.75 5.47 24.07
C ALA C 218 24.25 5.47 24.43
N LEU C 219 23.58 4.31 24.34
CA LEU C 219 22.16 4.14 24.67
C LEU C 219 21.85 4.35 26.14
N VAL C 220 22.75 3.92 27.03
CA VAL C 220 22.64 4.07 28.48
C VAL C 220 22.76 5.57 28.83
N GLN C 221 23.61 6.32 28.09
CA GLN C 221 23.83 7.77 28.26
C GLN C 221 22.61 8.61 27.86
N LEU C 222 21.73 8.04 27.01
CA LEU C 222 20.50 8.68 26.53
C LEU C 222 19.31 8.44 27.48
N LEU C 223 19.47 7.57 28.51
CA LEU C 223 18.42 7.33 29.51
C LEU C 223 18.40 8.47 30.54
N SER C 224 19.50 9.26 30.58
CA SER C 224 19.69 10.44 31.43
C SER C 224 19.58 11.71 30.54
N SER C 225 18.62 11.67 29.58
CA SER C 225 18.33 12.72 28.62
C SER C 225 17.11 13.55 29.07
N PRO C 226 17.11 14.89 28.86
CA PRO C 226 15.94 15.68 29.27
C PRO C 226 14.77 15.53 28.29
N ASN C 227 15.09 15.32 26.99
CA ASN C 227 14.12 15.15 25.91
C ASN C 227 13.42 13.81 26.03
N GLU C 228 12.07 13.86 26.18
CA GLU C 228 11.18 12.71 26.33
C GLU C 228 11.18 11.77 25.11
N GLN C 229 11.40 12.31 23.89
CA GLN C 229 11.47 11.51 22.66
C GLN C 229 12.78 10.71 22.59
N ILE C 230 13.94 11.36 22.92
CA ILE C 230 15.28 10.75 22.98
C ILE C 230 15.25 9.59 24.00
N LEU C 231 14.62 9.83 25.16
CA LEU C 231 14.44 8.93 26.30
C LEU C 231 13.63 7.70 25.86
N GLN C 232 12.48 7.93 25.21
CA GLN C 232 11.55 6.94 24.68
C GLN C 232 12.21 6.02 23.63
N GLU C 233 12.87 6.61 22.63
CA GLU C 233 13.57 5.90 21.57
C GLU C 233 14.71 5.05 22.08
N ALA C 234 15.43 5.49 23.14
CA ALA C 234 16.53 4.75 23.76
C ALA C 234 15.93 3.55 24.54
N LEU C 235 14.70 3.72 25.08
CA LEU C 235 13.99 2.65 25.77
C LEU C 235 13.48 1.63 24.72
N TRP C 236 13.05 2.13 23.53
N TRP C 236 13.03 2.14 23.53
CA TRP C 236 12.56 1.33 22.40
CA TRP C 236 12.54 1.33 22.41
C TRP C 236 13.70 0.41 21.96
C TRP C 236 13.68 0.41 21.93
N ALA C 237 14.88 0.97 21.66
CA ALA C 237 16.06 0.21 21.24
C ALA C 237 16.53 -0.80 22.29
N LEU C 238 16.59 -0.40 23.58
CA LEU C 238 17.05 -1.30 24.65
C LEU C 238 16.11 -2.47 24.89
N SER C 239 14.79 -2.20 24.82
CA SER C 239 13.75 -3.23 25.01
C SER C 239 13.93 -4.33 23.99
N ASN C 240 14.19 -3.95 22.71
CA ASN C 240 14.43 -4.79 21.55
C ASN C 240 15.66 -5.63 21.71
N ILE C 241 16.76 -5.00 22.22
CA ILE C 241 18.03 -5.66 22.50
C ILE C 241 17.79 -6.74 23.55
N ALA C 242 17.10 -6.36 24.66
CA ALA C 242 16.75 -7.24 25.77
C ALA C 242 15.94 -8.46 25.38
N SER C 243 15.20 -8.40 24.25
CA SER C 243 14.41 -9.52 23.73
C SER C 243 15.29 -10.67 23.15
N GLY C 244 16.61 -10.45 23.14
CA GLY C 244 17.61 -11.40 22.68
C GLY C 244 17.92 -12.48 23.71
N GLY C 245 18.98 -13.23 23.43
CA GLY C 245 19.47 -14.30 24.28
C GLY C 245 20.08 -13.81 25.57
N ASN C 246 20.48 -14.75 26.44
CA ASN C 246 21.05 -14.42 27.75
C ASN C 246 22.30 -13.53 27.69
N GLU C 247 23.13 -13.68 26.65
CA GLU C 247 24.37 -12.90 26.45
C GLU C 247 23.97 -11.51 25.93
N GLN C 248 22.81 -11.41 25.24
CA GLN C 248 22.28 -10.15 24.72
C GLN C 248 21.77 -9.30 25.89
N LYS C 249 21.06 -9.95 26.87
CA LYS C 249 20.52 -9.36 28.10
C LYS C 249 21.66 -8.96 29.02
N GLN C 250 22.70 -9.83 29.15
CA GLN C 250 23.89 -9.60 29.97
C GLN C 250 24.73 -8.43 29.45
N ALA C 251 24.74 -8.22 28.11
CA ALA C 251 25.45 -7.11 27.47
C ALA C 251 24.85 -5.77 27.93
N VAL C 252 23.48 -5.70 28.04
CA VAL C 252 22.69 -4.56 28.52
C VAL C 252 23.03 -4.31 30.01
N LYS C 253 23.10 -5.39 30.82
CA LYS C 253 23.42 -5.38 32.25
C LYS C 253 24.85 -4.82 32.47
N GLU C 254 25.82 -5.29 31.63
CA GLU C 254 27.23 -4.90 31.63
C GLU C 254 27.44 -3.43 31.26
N ALA C 255 26.52 -2.86 30.46
CA ALA C 255 26.56 -1.47 30.03
C ALA C 255 26.24 -0.53 31.22
N GLY C 256 25.43 -1.04 32.18
CA GLY C 256 25.04 -0.35 33.40
C GLY C 256 23.61 0.14 33.47
N ALA C 257 22.78 -0.20 32.46
CA ALA C 257 21.38 0.22 32.32
C ALA C 257 20.41 -0.26 33.42
N LEU C 258 20.87 -1.14 34.34
CA LEU C 258 20.06 -1.68 35.44
C LEU C 258 19.42 -0.60 36.32
N GLU C 259 20.26 0.16 37.07
CA GLU C 259 19.88 1.25 37.98
C GLU C 259 19.15 2.40 37.26
N LYS C 260 19.48 2.60 35.96
CA LYS C 260 18.91 3.62 35.09
C LYS C 260 17.41 3.36 34.81
N LEU C 261 17.03 2.10 34.50
CA LEU C 261 15.63 1.73 34.24
C LEU C 261 14.78 1.79 35.53
N GLU C 262 15.38 1.46 36.70
CA GLU C 262 14.73 1.47 38.03
C GLU C 262 14.22 2.88 38.39
N GLN C 263 14.98 3.92 38.00
CA GLN C 263 14.63 5.32 38.23
C GLN C 263 13.46 5.76 37.33
N LEU C 264 13.43 5.27 36.08
CA LEU C 264 12.40 5.58 35.06
C LEU C 264 11.00 4.95 35.34
N GLN C 265 10.74 4.59 36.60
CA GLN C 265 9.46 4.03 37.04
C GLN C 265 8.83 5.01 38.05
N SER C 266 9.68 5.90 38.62
CA SER C 266 9.26 6.98 39.53
C SER C 266 9.06 8.27 38.69
N HIS C 267 9.34 8.19 37.38
CA HIS C 267 9.19 9.27 36.40
C HIS C 267 7.71 9.57 36.20
N GLU C 268 7.36 10.83 35.92
CA GLU C 268 5.97 11.26 35.71
C GLU C 268 5.35 10.69 34.42
N ASN C 269 6.16 10.46 33.37
CA ASN C 269 5.70 9.99 32.06
C ASN C 269 5.12 8.58 32.10
N GLU C 270 3.78 8.47 31.93
CA GLU C 270 3.01 7.23 31.92
C GLU C 270 3.52 6.29 30.83
N LYS C 271 3.81 6.85 29.63
CA LYS C 271 4.31 6.11 28.48
C LYS C 271 5.69 5.52 28.76
N ILE C 272 6.58 6.32 29.40
CA ILE C 272 7.95 5.95 29.75
C ILE C 272 7.99 4.97 30.93
N GLN C 273 7.06 5.13 31.91
CA GLN C 273 6.93 4.24 33.06
C GLN C 273 6.74 2.80 32.57
N LYS C 274 5.71 2.56 31.72
CA LYS C 274 5.34 1.26 31.15
C LYS C 274 6.40 0.70 30.19
N GLU C 275 7.16 1.59 29.53
CA GLU C 275 8.24 1.23 28.60
C GLU C 275 9.47 0.74 29.36
N ALA C 276 9.87 1.47 30.44
CA ALA C 276 11.02 1.15 31.30
C ALA C 276 10.71 -0.07 32.14
N GLN C 277 9.43 -0.27 32.53
CA GLN C 277 8.90 -1.41 33.29
C GLN C 277 9.05 -2.69 32.44
N GLU C 278 8.69 -2.59 31.15
CA GLU C 278 8.78 -3.66 30.17
C GLU C 278 10.24 -4.08 29.99
N ALA C 279 11.14 -3.11 29.70
CA ALA C 279 12.57 -3.33 29.46
C ALA C 279 13.25 -4.21 30.51
N LEU C 280 13.10 -3.87 31.81
CA LEU C 280 13.67 -4.65 32.92
C LEU C 280 13.00 -6.02 33.08
N GLU C 281 11.70 -6.12 32.71
CA GLU C 281 10.92 -7.36 32.74
C GLU C 281 11.48 -8.33 31.70
N LYS C 282 11.81 -7.79 30.51
CA LYS C 282 12.40 -8.49 29.36
C LYS C 282 13.81 -8.94 29.68
N LEU C 283 14.46 -8.30 30.68
CA LEU C 283 15.79 -8.64 31.19
C LEU C 283 15.69 -9.74 32.27
N GLN C 284 14.56 -10.48 32.29
CA GLN C 284 14.32 -11.60 33.18
C GLN C 284 13.25 -12.53 32.63
N ARG D 9 11.39 -10.96 24.82
CA ARG D 9 10.64 -11.62 23.76
C ARG D 9 9.77 -10.66 22.92
N LYS D 10 9.59 -9.41 23.39
CA LYS D 10 8.73 -8.36 22.78
C LYS D 10 9.49 -7.26 21.94
N ARG D 11 9.64 -7.53 20.61
CA ARG D 11 10.29 -6.63 19.64
C ARG D 11 9.29 -5.61 19.03
N LYS D 12 9.73 -4.35 18.81
CA LYS D 12 8.89 -3.26 18.28
C LYS D 12 9.55 -2.69 17.02
N ARG D 13 8.84 -2.72 15.90
CA ARG D 13 9.34 -2.28 14.60
C ARG D 13 8.34 -1.33 14.02
N LYS D 14 8.83 -0.29 13.32
CA LYS D 14 7.96 0.73 12.78
C LYS D 14 8.71 1.53 11.72
N ARG D 15 8.07 1.80 10.57
CA ARG D 15 8.71 2.67 9.57
C ARG D 15 8.67 4.11 10.08
N GLU D 16 9.53 4.99 9.51
CA GLU D 16 9.53 6.41 9.88
C GLU D 16 8.44 7.16 9.09
N GLY D 17 8.07 6.63 7.92
CA GLY D 17 6.95 7.07 7.10
C GLY D 17 7.27 7.78 5.82
N LYS D 18 6.22 8.29 5.19
CA LYS D 18 6.38 9.12 4.00
C LYS D 18 6.50 10.59 4.41
N LEU D 19 7.22 11.33 3.57
CA LEU D 19 7.37 12.76 3.79
C LEU D 19 6.68 13.45 2.64
N MET D 20 5.65 14.25 2.97
CA MET D 20 4.87 14.97 1.96
C MET D 20 5.67 16.09 1.33
N SER D 21 6.69 16.59 2.06
CA SER D 21 7.68 17.58 1.61
C SER D 21 9.04 17.19 2.20
N LYS D 22 10.13 17.75 1.68
CA LYS D 22 11.46 17.51 2.24
C LYS D 22 11.53 18.22 3.59
N GLY D 23 11.00 19.45 3.61
CA GLY D 23 10.96 20.37 4.77
C GLY D 23 10.28 19.83 6.01
N GLU D 24 9.29 18.96 5.83
CA GLU D 24 8.52 18.30 6.89
C GLU D 24 9.47 17.63 7.91
N GLU D 25 10.47 16.90 7.41
CA GLU D 25 11.49 16.20 8.18
C GLU D 25 12.33 17.11 9.11
N LEU D 26 12.52 18.39 8.73
CA LEU D 26 13.29 19.37 9.51
C LEU D 26 12.61 19.79 10.81
N PHE D 27 11.40 19.28 11.11
CA PHE D 27 10.71 19.59 12.35
C PHE D 27 10.34 18.32 13.14
N THR D 28 11.06 17.21 12.93
CA THR D 28 10.76 15.94 13.59
C THR D 28 11.12 15.85 15.08
N GLY D 29 12.00 16.72 15.54
CA GLY D 29 12.39 16.81 16.95
C GLY D 29 12.24 18.22 17.46
N VAL D 30 13.04 18.57 18.49
CA VAL D 30 13.02 19.91 19.05
C VAL D 30 13.99 20.80 18.24
N VAL D 31 13.47 21.91 17.72
CA VAL D 31 14.23 22.86 16.88
C VAL D 31 14.46 24.20 17.60
N PRO D 32 15.72 24.66 17.74
CA PRO D 32 15.96 25.97 18.37
C PRO D 32 15.41 27.11 17.50
N ILE D 33 14.82 28.09 18.16
CA ILE D 33 14.21 29.25 17.54
C ILE D 33 14.92 30.51 18.00
N LEU D 34 15.02 31.46 17.07
CA LEU D 34 15.51 32.82 17.30
C LEU D 34 14.49 33.74 16.65
N VAL D 35 14.05 34.77 17.39
CA VAL D 35 13.12 35.76 16.85
C VAL D 35 13.73 37.14 17.03
N GLU D 36 13.84 37.89 15.94
CA GLU D 36 14.37 39.25 15.97
C GLU D 36 13.32 40.19 15.40
N LEU D 37 12.88 41.20 16.18
CA LEU D 37 11.88 42.19 15.75
C LEU D 37 12.43 43.61 15.80
N ASP D 38 12.24 44.37 14.71
CA ASP D 38 12.62 45.77 14.67
C ASP D 38 11.34 46.59 14.54
N GLY D 39 10.98 47.28 15.61
CA GLY D 39 9.75 48.05 15.69
C GLY D 39 9.90 49.56 15.69
N ASP D 40 8.81 50.22 15.30
CA ASP D 40 8.62 51.67 15.24
C ASP D 40 7.12 51.90 15.16
N VAL D 41 6.50 52.19 16.30
CA VAL D 41 5.07 52.47 16.40
C VAL D 41 4.93 53.95 16.76
N ASN D 42 4.29 54.74 15.88
CA ASN D 42 4.10 56.20 16.03
C ASN D 42 5.43 56.97 16.27
N GLY D 43 6.55 56.41 15.81
CA GLY D 43 7.88 56.98 16.00
C GLY D 43 8.62 56.43 17.20
N HIS D 44 7.96 55.55 18.01
CA HIS D 44 8.57 54.94 19.19
C HIS D 44 9.30 53.68 18.74
N LYS D 45 10.62 53.81 18.54
CA LYS D 45 11.46 52.71 18.08
C LYS D 45 11.78 51.72 19.21
N PHE D 46 11.74 50.42 18.90
CA PHE D 46 12.03 49.34 19.84
C PHE D 46 12.56 48.10 19.13
N SER D 47 13.31 47.25 19.85
CA SER D 47 13.86 45.98 19.34
C SER D 47 13.57 44.84 20.34
N VAL D 48 13.00 43.72 19.84
CA VAL D 48 12.63 42.54 20.64
C VAL D 48 13.42 41.30 20.18
N ARG D 49 13.97 40.53 21.14
CA ARG D 49 14.70 39.31 20.84
C ARG D 49 14.20 38.17 21.71
N GLY D 50 13.78 37.12 21.03
CA GLY D 50 13.28 35.90 21.63
C GLY D 50 14.13 34.72 21.25
N GLU D 51 14.28 33.81 22.21
CA GLU D 51 14.97 32.53 22.03
C GLU D 51 14.17 31.46 22.72
N GLY D 52 14.31 30.25 22.20
CA GLY D 52 13.61 29.09 22.72
C GLY D 52 13.63 27.94 21.74
N GLU D 53 12.62 27.09 21.84
CA GLU D 53 12.50 25.88 21.04
C GLU D 53 11.08 25.64 20.57
N GLY D 54 10.99 24.83 19.53
CA GLY D 54 9.76 24.42 18.88
C GLY D 54 9.73 22.93 18.66
N ASP D 55 8.56 22.33 18.88
CA ASP D 55 8.32 20.90 18.78
C ASP D 55 7.01 20.68 18.02
N ALA D 56 7.10 20.68 16.69
CA ALA D 56 5.98 20.45 15.76
C ALA D 56 5.27 19.09 15.99
N THR D 57 5.96 18.09 16.61
CA THR D 57 5.38 16.77 16.91
C THR D 57 4.17 16.93 17.86
N ASN D 58 4.31 17.83 18.85
CA ASN D 58 3.31 18.10 19.88
C ASN D 58 2.68 19.49 19.75
N GLY D 59 3.20 20.28 18.81
CA GLY D 59 2.74 21.64 18.55
C GLY D 59 3.07 22.59 19.67
N LYS D 60 4.20 22.39 20.36
CA LYS D 60 4.62 23.18 21.51
C LYS D 60 5.79 24.15 21.24
N LEU D 61 5.57 25.45 21.52
CA LEU D 61 6.58 26.51 21.44
C LEU D 61 6.82 27.01 22.84
N THR D 62 8.09 27.23 23.20
CA THR D 62 8.49 27.81 24.49
C THR D 62 9.52 28.91 24.20
N LEU D 63 9.13 30.17 24.34
CA LEU D 63 10.03 31.26 24.04
C LEU D 63 10.02 32.33 25.11
N LYS D 64 11.14 33.06 25.24
CA LYS D 64 11.31 34.20 26.14
C LYS D 64 11.74 35.38 25.28
N PHE D 65 10.93 36.44 25.26
CA PHE D 65 11.18 37.66 24.47
C PHE D 65 11.61 38.78 25.40
N ILE D 66 12.70 39.50 25.04
CA ILE D 66 13.25 40.58 25.83
C ILE D 66 13.29 41.84 24.97
N CYS D 67 12.83 42.99 25.51
CA CYS D 67 12.93 44.28 24.82
C CYS D 67 14.31 44.81 25.10
N THR D 68 15.19 44.76 24.08
CA THR D 68 16.61 45.13 24.15
C THR D 68 16.85 46.63 24.12
N THR D 69 15.84 47.39 23.73
CA THR D 69 15.89 48.85 23.63
C THR D 69 15.43 49.56 24.94
N GLY D 70 14.93 48.79 25.90
CA GLY D 70 14.45 49.29 27.18
C GLY D 70 13.03 48.82 27.47
N LYS D 71 12.11 49.77 27.62
CA LYS D 71 10.71 49.44 27.89
C LYS D 71 9.91 49.37 26.58
N LEU D 72 8.99 48.40 26.49
CA LEU D 72 8.15 48.20 25.32
C LEU D 72 7.09 49.29 25.26
N PRO D 73 7.02 50.07 24.16
CA PRO D 73 6.06 51.21 24.13
C PRO D 73 4.65 50.78 23.72
N VAL D 74 4.47 49.46 23.63
CA VAL D 74 3.28 48.80 23.18
C VAL D 74 3.06 47.57 24.08
N PRO D 75 1.83 47.08 24.30
CA PRO D 75 1.67 45.91 25.18
C PRO D 75 2.18 44.61 24.53
N TRP D 76 2.82 43.72 25.33
CA TRP D 76 3.30 42.42 24.85
C TRP D 76 2.22 41.62 24.10
N PRO D 77 0.94 41.49 24.56
CA PRO D 77 -0.05 40.71 23.78
C PRO D 77 -0.30 41.13 22.32
N THR D 78 -0.05 42.41 21.97
CA THR D 78 -0.25 42.90 20.59
C THR D 78 0.81 42.40 19.63
N LEU D 79 1.94 41.91 20.18
CA LEU D 79 3.07 41.37 19.42
C LEU D 79 3.04 39.84 19.29
N VAL D 80 2.16 39.12 20.03
CA VAL D 80 2.14 37.65 20.00
C VAL D 80 2.05 37.10 18.58
N THR D 81 1.10 37.59 17.78
CA THR D 81 0.89 37.10 16.42
C THR D 81 2.06 37.36 15.49
N THR D 82 2.80 38.45 15.72
CA THR D 82 3.96 38.83 14.92
C THR D 82 5.20 37.99 15.32
N LEU D 83 5.43 37.85 16.64
CA LEU D 83 6.54 37.08 17.20
C LEU D 83 6.39 35.58 16.90
N1 CRO D 84 5.17 35.00 17.03
CA1 CRO D 84 4.87 33.62 16.77
CB1 CRO D 84 4.66 32.81 18.02
CG1 CRO D 84 5.80 32.96 19.01
OG1 CRO D 84 3.48 33.27 18.64
C1 CRO D 84 3.71 33.56 15.79
N2 CRO D 84 2.37 33.43 16.12
N3 CRO D 84 3.85 33.74 14.39
C2 CRO D 84 2.54 33.66 13.83
O2 CRO D 84 2.23 33.77 12.64
CA2 CRO D 84 1.59 33.47 14.98
CA3 CRO D 84 5.06 34.02 13.68
C3 CRO D 84 5.68 32.82 13.01
O3 CRO D 84 6.10 32.99 11.85
CB2 CRO D 84 0.25 33.38 14.82
CG2 CRO D 84 -0.79 33.29 15.90
CD1 CRO D 84 -2.12 33.28 15.49
CD2 CRO D 84 -0.47 33.18 17.26
CE1 CRO D 84 -3.13 33.13 16.43
CE2 CRO D 84 -1.48 33.04 18.21
CZ CRO D 84 -2.82 33.03 17.79
OH CRO D 84 -3.85 32.90 18.73
N VAL D 85 5.75 31.78 13.73
CA VAL D 85 6.39 30.52 13.35
C VAL D 85 5.39 29.36 13.27
N GLN D 86 4.42 29.50 12.37
CA GLN D 86 3.35 28.55 12.13
C GLN D 86 3.84 27.21 11.53
N CYS D 87 5.14 27.12 11.22
CA CYS D 87 5.77 25.89 10.74
C CYS D 87 5.80 24.84 11.84
N PHE D 88 5.66 25.28 13.13
CA PHE D 88 5.62 24.42 14.32
C PHE D 88 4.20 24.00 14.73
N SER D 89 3.21 24.31 13.87
CA SER D 89 1.84 23.83 14.09
C SER D 89 1.90 22.31 13.95
N ARG D 90 1.14 21.62 14.76
CA ARG D 90 1.10 20.18 14.67
C ARG D 90 0.13 19.77 13.58
N TYR D 91 0.66 19.19 12.48
CA TYR D 91 -0.18 18.69 11.39
C TYR D 91 -0.46 17.20 11.60
N PRO D 92 -1.72 16.78 11.92
CA PRO D 92 -2.02 15.35 12.11
C PRO D 92 -1.74 14.61 10.82
N ASP D 93 -1.40 13.32 10.93
CA ASP D 93 -1.01 12.43 9.82
C ASP D 93 -1.91 12.50 8.57
N HIS D 94 -3.23 12.62 8.75
CA HIS D 94 -4.14 12.72 7.59
C HIS D 94 -4.11 14.10 6.88
N MET D 95 -3.44 15.10 7.48
CA MET D 95 -3.33 16.46 6.94
C MET D 95 -1.93 16.90 6.50
N LYS D 96 -0.95 15.98 6.48
CA LYS D 96 0.43 16.34 6.14
C LYS D 96 0.60 16.99 4.75
N ARG D 97 -0.30 16.69 3.79
CA ARG D 97 -0.30 17.23 2.43
C ARG D 97 -0.77 18.69 2.38
N HIS D 98 -1.22 19.21 3.53
CA HIS D 98 -1.75 20.55 3.66
C HIS D 98 -0.86 21.46 4.49
N ASP D 99 0.40 21.03 4.72
CA ASP D 99 1.36 21.84 5.48
C ASP D 99 2.25 22.67 4.57
N PHE D 100 1.80 23.89 4.23
CA PHE D 100 2.56 24.82 3.38
C PHE D 100 3.86 25.23 4.08
N PHE D 101 3.74 25.65 5.35
CA PHE D 101 4.79 26.16 6.24
C PHE D 101 6.07 25.32 6.30
N LYS D 102 5.97 24.03 6.63
CA LYS D 102 7.14 23.15 6.68
C LYS D 102 7.67 22.88 5.29
N SER D 103 6.78 22.78 4.27
CA SER D 103 7.10 22.51 2.87
C SER D 103 7.99 23.55 2.23
N ALA D 104 7.86 24.81 2.69
CA ALA D 104 8.62 25.99 2.22
C ALA D 104 10.01 26.05 2.89
N MET D 105 10.35 25.09 3.77
CA MET D 105 11.65 25.07 4.46
C MET D 105 12.69 24.18 3.74
N PRO D 106 14.02 24.40 3.92
CA PRO D 106 14.70 25.40 4.78
C PRO D 106 14.79 26.83 4.24
N GLU D 107 14.57 27.05 2.93
CA GLU D 107 14.67 28.39 2.29
C GLU D 107 13.66 29.40 2.88
N GLY D 108 12.58 28.88 3.44
CA GLY D 108 11.59 29.64 4.18
C GLY D 108 10.51 30.33 3.39
N TYR D 109 9.81 31.24 4.07
CA TYR D 109 8.74 32.05 3.49
C TYR D 109 8.74 33.49 4.01
N VAL D 110 8.04 34.35 3.27
CA VAL D 110 7.77 35.73 3.67
C VAL D 110 6.37 35.76 4.30
N GLN D 111 6.22 36.40 5.45
CA GLN D 111 4.93 36.54 6.09
C GLN D 111 4.63 38.02 6.23
N GLU D 112 3.59 38.48 5.56
CA GLU D 112 3.15 39.87 5.62
C GLU D 112 1.77 39.96 6.23
N ARG D 113 1.52 41.03 6.98
CA ARG D 113 0.19 41.22 7.55
C ARG D 113 -0.08 42.67 7.90
N THR D 114 -1.38 42.99 7.92
CA THR D 114 -1.96 44.27 8.30
C THR D 114 -2.83 43.95 9.50
N ILE D 115 -2.51 44.55 10.64
CA ILE D 115 -3.28 44.40 11.86
C ILE D 115 -3.96 45.73 12.12
N SER D 116 -5.29 45.74 12.09
CA SER D 116 -6.07 46.94 12.32
C SER D 116 -6.78 46.92 13.67
N PHE D 117 -6.26 47.69 14.63
CA PHE D 117 -6.83 47.80 15.97
C PHE D 117 -8.04 48.71 15.88
N LYS D 118 -9.24 48.14 16.10
CA LYS D 118 -10.52 48.86 16.01
C LYS D 118 -10.53 50.15 16.81
N ASP D 119 -10.80 51.28 16.12
CA ASP D 119 -10.85 52.66 16.61
C ASP D 119 -9.51 53.07 17.28
N ASP D 120 -8.41 52.62 16.68
CA ASP D 120 -7.02 52.89 17.08
C ASP D 120 -6.13 52.68 15.83
N GLY D 121 -4.81 52.62 16.01
CA GLY D 121 -3.87 52.47 14.91
C GLY D 121 -3.83 51.15 14.16
N THR D 122 -2.86 51.02 13.25
CA THR D 122 -2.61 49.82 12.44
C THR D 122 -1.13 49.41 12.46
N TYR D 123 -0.86 48.09 12.44
CA TYR D 123 0.48 47.50 12.36
C TYR D 123 0.63 46.90 10.96
N LYS D 124 1.74 47.17 10.32
CA LYS D 124 2.12 46.60 9.03
C LYS D 124 3.37 45.81 9.36
N THR D 125 3.41 44.53 9.03
CA THR D 125 4.59 43.70 9.37
C THR D 125 5.11 42.94 8.20
N ARG D 126 6.43 42.74 8.17
CA ARG D 126 7.06 41.93 7.13
C ARG D 126 8.09 41.09 7.82
N ALA D 127 8.00 39.79 7.59
CA ALA D 127 8.89 38.82 8.24
C ALA D 127 9.38 37.78 7.29
N GLU D 128 10.61 37.32 7.56
CA GLU D 128 11.32 36.33 6.79
C GLU D 128 11.58 35.19 7.76
N VAL D 129 10.79 34.12 7.62
CA VAL D 129 10.82 32.88 8.43
C VAL D 129 11.59 31.81 7.65
N LYS D 130 12.82 31.49 8.10
CA LYS D 130 13.68 30.51 7.44
C LYS D 130 14.70 29.93 8.41
N PHE D 131 15.38 28.83 8.00
CA PHE D 131 16.46 28.25 8.79
C PHE D 131 17.79 28.95 8.49
N GLU D 132 18.52 29.33 9.55
CA GLU D 132 19.88 29.91 9.51
C GLU D 132 20.67 28.91 10.38
N GLY D 133 21.30 27.96 9.69
CA GLY D 133 21.96 26.83 10.34
C GLY D 133 20.89 25.85 10.76
N ASP D 134 20.91 25.42 12.02
CA ASP D 134 19.91 24.49 12.54
C ASP D 134 18.83 25.24 13.29
N THR D 135 19.01 26.56 13.41
CA THR D 135 18.10 27.46 14.10
C THR D 135 17.09 28.01 13.11
N LEU D 136 15.80 27.99 13.49
CA LEU D 136 14.76 28.60 12.68
C LEU D 136 14.72 30.04 13.16
N VAL D 137 14.80 30.96 12.20
CA VAL D 137 14.80 32.38 12.45
C VAL D 137 13.54 33.03 11.91
N ASN D 138 12.90 33.82 12.76
CA ASN D 138 11.80 34.67 12.36
C ASN D 138 12.33 36.10 12.53
N ARG D 139 12.80 36.69 11.42
CA ARG D 139 13.39 38.02 11.33
C ARG D 139 12.31 39.01 10.83
N ILE D 140 11.82 39.85 11.74
CA ILE D 140 10.69 40.75 11.51
C ILE D 140 11.02 42.24 11.56
N GLU D 141 10.21 43.00 10.80
CA GLU D 141 10.20 44.45 10.74
C GLU D 141 8.70 44.84 10.82
N LEU D 142 8.37 45.61 11.85
CA LEU D 142 7.03 46.10 12.14
C LEU D 142 7.00 47.64 12.13
N LYS D 143 5.95 48.20 11.52
CA LYS D 143 5.72 49.64 11.47
C LYS D 143 4.28 49.89 11.90
N GLY D 144 4.14 50.68 12.95
CA GLY D 144 2.84 51.04 13.51
C GLY D 144 2.52 52.51 13.25
N ILE D 145 1.29 52.77 12.79
CA ILE D 145 0.81 54.13 12.43
C ILE D 145 -0.59 54.41 13.02
N ASP D 146 -0.93 55.70 13.20
CA ASP D 146 -2.22 56.28 13.60
C ASP D 146 -2.72 55.78 14.95
N PHE D 147 -1.80 55.62 15.92
CA PHE D 147 -2.20 55.16 17.24
C PHE D 147 -2.54 56.30 18.17
N LYS D 148 -3.59 56.10 18.97
CA LYS D 148 -4.06 57.03 20.00
C LYS D 148 -3.08 56.92 21.18
N GLU D 149 -2.48 58.06 21.57
CA GLU D 149 -1.50 58.16 22.66
C GLU D 149 -2.07 57.74 24.03
N ASP D 150 -3.41 57.86 24.19
CA ASP D 150 -4.17 57.51 25.39
C ASP D 150 -5.10 56.30 25.11
N GLY D 151 -4.77 55.53 24.08
CA GLY D 151 -5.51 54.34 23.69
C GLY D 151 -5.10 53.11 24.49
N ASN D 152 -5.69 51.95 24.14
CA ASN D 152 -5.40 50.69 24.83
C ASN D 152 -4.02 50.15 24.54
N ILE D 153 -3.45 50.57 23.40
CA ILE D 153 -2.14 50.11 22.96
C ILE D 153 -1.04 51.03 23.51
N LEU D 154 -1.02 52.32 23.11
CA LEU D 154 0.02 53.24 23.57
C LEU D 154 -0.06 53.58 25.07
N GLY D 155 -1.25 53.51 25.64
CA GLY D 155 -1.47 53.77 27.06
C GLY D 155 -1.38 52.55 27.95
N HIS D 156 -1.16 51.35 27.33
CA HIS D 156 -1.04 50.05 28.00
C HIS D 156 -2.27 49.69 28.86
N LYS D 157 -3.46 49.77 28.24
CA LYS D 157 -4.71 49.47 28.94
C LYS D 157 -5.13 48.00 28.79
N LEU D 158 -4.26 47.12 28.16
CA LEU D 158 -4.54 45.69 27.94
C LEU D 158 -3.97 44.75 29.00
N GLU D 159 -4.76 43.70 29.35
CA GLU D 159 -4.40 42.61 30.28
C GLU D 159 -3.30 41.73 29.66
N TYR D 160 -2.50 41.10 30.52
CA TYR D 160 -1.37 40.25 30.09
C TYR D 160 -1.83 38.79 29.87
N ASN D 161 -2.52 38.55 28.74
CA ASN D 161 -3.07 37.25 28.34
C ASN D 161 -3.33 37.20 26.83
N PHE D 162 -3.68 36.00 26.31
CA PHE D 162 -3.92 35.83 24.89
C PHE D 162 -4.90 34.71 24.62
N ASN D 163 -6.09 35.07 24.12
CA ASN D 163 -7.21 34.16 23.89
C ASN D 163 -7.03 33.15 22.79
N SER D 164 -7.34 31.91 23.18
CA SER D 164 -7.29 30.68 22.43
C SER D 164 -8.42 30.64 21.41
N HIS D 165 -8.08 30.59 20.10
CA HIS D 165 -9.06 30.55 19.00
C HIS D 165 -8.45 29.96 17.70
N ASN D 166 -9.31 29.75 16.69
CA ASN D 166 -8.93 29.16 15.40
C ASN D 166 -8.61 30.20 14.33
N VAL D 167 -7.52 29.96 13.59
CA VAL D 167 -7.07 30.78 12.45
C VAL D 167 -7.34 29.95 11.18
N TYR D 168 -8.15 30.48 10.26
CA TYR D 168 -8.51 29.75 9.05
C TYR D 168 -7.55 30.04 7.91
N ILE D 169 -6.90 28.97 7.41
CA ILE D 169 -5.90 28.99 6.33
C ILE D 169 -6.53 28.65 4.97
N THR D 170 -6.28 29.52 3.97
CA THR D 170 -6.73 29.33 2.59
C THR D 170 -5.53 29.46 1.66
N ALA D 171 -5.55 28.71 0.56
CA ALA D 171 -4.49 28.76 -0.43
C ALA D 171 -4.57 30.06 -1.25
N ASP D 172 -3.44 30.43 -1.87
CA ASP D 172 -3.25 31.58 -2.76
C ASP D 172 -2.40 31.05 -3.91
N LYS D 173 -3.05 30.23 -4.78
CA LYS D 173 -2.43 29.54 -5.90
C LYS D 173 -1.75 30.48 -6.90
N GLN D 174 -2.32 31.69 -7.11
CA GLN D 174 -1.78 32.73 -8.02
C GLN D 174 -0.48 33.38 -7.53
N LYS D 175 -0.25 33.31 -6.20
CA LYS D 175 0.93 33.86 -5.54
C LYS D 175 1.74 32.71 -4.91
N ASN D 176 1.36 31.46 -5.24
CA ASN D 176 1.96 30.21 -4.77
C ASN D 176 2.08 30.14 -3.22
N GLY D 177 1.19 30.83 -2.52
CA GLY D 177 1.27 30.84 -1.07
C GLY D 177 0.02 30.50 -0.28
N ILE D 178 -0.11 31.17 0.89
CA ILE D 178 -1.18 31.00 1.87
C ILE D 178 -1.73 32.36 2.26
N LYS D 179 -3.00 32.41 2.70
CA LYS D 179 -3.70 33.61 3.17
C LYS D 179 -4.50 33.24 4.40
N ALA D 180 -4.69 34.20 5.33
CA ALA D 180 -5.48 33.99 6.53
C ALA D 180 -6.06 35.33 7.00
N ASN D 181 -7.34 35.33 7.37
CA ASN D 181 -8.05 36.52 7.86
C ASN D 181 -8.76 36.07 9.11
N PHE D 182 -8.35 36.63 10.24
CA PHE D 182 -8.84 36.29 11.57
C PHE D 182 -8.87 37.52 12.46
N LYS D 183 -9.74 37.53 13.47
CA LYS D 183 -9.81 38.62 14.42
C LYS D 183 -9.22 38.14 15.73
N ILE D 184 -8.62 39.07 16.48
CA ILE D 184 -8.04 38.79 17.79
C ILE D 184 -8.73 39.71 18.77
N ARG D 185 -9.19 39.13 19.87
CA ARG D 185 -9.85 39.91 20.91
C ARG D 185 -8.91 40.02 22.11
N HIS D 186 -8.40 41.24 22.34
CA HIS D 186 -7.49 41.56 23.43
C HIS D 186 -8.33 42.06 24.60
N ASN D 187 -8.10 41.53 25.81
CA ASN D 187 -8.88 41.99 26.95
C ASN D 187 -8.35 43.31 27.50
N VAL D 188 -9.27 44.24 27.73
CA VAL D 188 -8.94 45.56 28.26
C VAL D 188 -9.16 45.46 29.78
N GLU D 189 -8.24 46.08 30.55
CA GLU D 189 -8.21 46.05 32.01
C GLU D 189 -9.50 46.52 32.66
N ASP D 190 -10.23 47.45 32.01
CA ASP D 190 -11.50 47.99 32.51
C ASP D 190 -12.67 46.99 32.43
N GLY D 191 -12.55 46.02 31.52
CA GLY D 191 -13.56 44.98 31.30
C GLY D 191 -13.93 44.81 29.84
N SER D 192 -13.65 45.85 29.02
CA SER D 192 -13.96 45.83 27.59
C SER D 192 -13.00 44.93 26.77
N VAL D 193 -13.20 44.93 25.45
CA VAL D 193 -12.43 44.15 24.49
C VAL D 193 -11.88 45.06 23.37
N GLN D 194 -10.59 44.88 23.02
CA GLN D 194 -9.90 45.58 21.94
C GLN D 194 -9.68 44.59 20.81
N LEU D 195 -10.42 44.77 19.71
CA LEU D 195 -10.33 43.92 18.54
C LEU D 195 -9.16 44.34 17.65
N ALA D 196 -8.44 43.34 17.10
CA ALA D 196 -7.30 43.50 16.19
C ALA D 196 -7.62 42.66 14.95
N ASP D 197 -7.99 43.33 13.84
CA ASP D 197 -8.34 42.64 12.59
C ASP D 197 -7.08 42.28 11.80
N HIS D 198 -6.81 40.96 11.68
CA HIS D 198 -5.63 40.46 10.98
C HIS D 198 -5.93 40.04 9.57
N TYR D 199 -5.04 40.42 8.65
CA TYR D 199 -5.06 40.10 7.22
C TYR D 199 -3.65 39.61 6.89
N GLN D 200 -3.51 38.32 6.59
CA GLN D 200 -2.23 37.66 6.39
C GLN D 200 -1.97 37.12 4.99
N GLN D 201 -0.68 37.11 4.61
CA GLN D 201 -0.17 36.60 3.32
C GLN D 201 1.21 36.00 3.53
N ASN D 202 1.40 34.79 3.01
CA ASN D 202 2.64 34.03 3.10
C ASN D 202 3.02 33.55 1.70
N THR D 203 4.28 33.76 1.33
CA THR D 203 4.79 33.40 0.02
C THR D 203 6.17 32.73 0.19
N PRO D 204 6.49 31.67 -0.58
CA PRO D 204 7.81 31.03 -0.43
C PRO D 204 8.97 31.88 -0.89
N ILE D 205 10.13 31.69 -0.26
CA ILE D 205 11.36 32.43 -0.63
C ILE D 205 12.02 31.67 -1.81
N GLY D 206 12.20 30.36 -1.61
CA GLY D 206 12.78 29.46 -2.60
C GLY D 206 11.91 29.19 -3.81
N ASP D 207 12.47 28.48 -4.79
CA ASP D 207 11.81 28.14 -6.04
C ASP D 207 11.29 26.70 -6.06
N GLY D 208 11.51 25.98 -4.97
CA GLY D 208 11.11 24.58 -4.84
C GLY D 208 9.62 24.36 -4.87
N PRO D 209 9.14 23.09 -5.06
CA PRO D 209 7.70 22.86 -5.04
C PRO D 209 7.19 23.00 -3.61
N VAL D 210 6.06 23.66 -3.47
CA VAL D 210 5.47 23.94 -2.19
C VAL D 210 4.09 23.27 -2.11
N LEU D 211 3.63 22.88 -0.91
CA LEU D 211 2.33 22.24 -0.75
C LEU D 211 1.25 23.31 -0.65
N LEU D 212 0.23 23.23 -1.52
CA LEU D 212 -0.88 24.20 -1.51
C LEU D 212 -2.12 23.58 -0.87
N PRO D 213 -2.39 23.91 0.41
CA PRO D 213 -3.49 23.27 1.13
C PRO D 213 -4.91 23.59 0.70
N ASP D 214 -5.83 22.71 1.15
CA ASP D 214 -7.27 22.87 1.02
C ASP D 214 -7.66 23.62 2.28
N ASN D 215 -8.84 24.26 2.29
CA ASN D 215 -9.30 25.04 3.43
C ASN D 215 -9.34 24.21 4.70
N HIS D 216 -8.70 24.75 5.76
CA HIS D 216 -8.56 24.17 7.09
C HIS D 216 -8.27 25.28 8.12
N TYR D 217 -7.98 24.91 9.37
CA TYR D 217 -7.69 25.88 10.42
C TYR D 217 -6.62 25.40 11.39
N LEU D 218 -6.02 26.37 12.08
CA LEU D 218 -5.01 26.18 13.10
C LEU D 218 -5.59 26.63 14.44
N SER D 219 -5.56 25.75 15.41
CA SER D 219 -6.09 26.01 16.75
C SER D 219 -4.91 26.28 17.64
N THR D 220 -4.88 27.44 18.27
CA THR D 220 -3.74 27.87 19.06
C THR D 220 -4.14 28.33 20.47
N GLN D 221 -3.33 27.93 21.46
CA GLN D 221 -3.55 28.19 22.89
C GLN D 221 -2.26 28.78 23.45
N SER D 222 -2.38 29.98 24.07
CA SER D 222 -1.21 30.71 24.56
C SER D 222 -1.24 31.04 26.04
N VAL D 223 -0.06 30.94 26.70
CA VAL D 223 0.14 31.25 28.11
C VAL D 223 1.31 32.20 28.19
N LEU D 224 1.03 33.43 28.70
CA LEU D 224 1.97 34.54 28.88
C LEU D 224 2.38 34.58 30.35
N SER D 225 3.69 34.62 30.63
CA SER D 225 4.23 34.61 31.99
C SER D 225 5.46 35.51 32.13
N LYS D 226 5.92 35.71 33.38
CA LYS D 226 7.09 36.51 33.70
C LYS D 226 8.15 35.67 34.43
N ASP D 227 9.42 35.79 34.00
CA ASP D 227 10.56 35.13 34.64
C ASP D 227 10.85 35.96 35.91
N PRO D 228 10.86 35.33 37.11
CA PRO D 228 11.04 36.11 38.35
C PRO D 228 12.39 36.82 38.54
N ASN D 229 13.46 36.28 37.92
CA ASN D 229 14.83 36.81 38.01
C ASN D 229 15.20 37.68 36.78
N GLU D 230 14.18 38.18 36.04
CA GLU D 230 14.38 39.00 34.85
C GLU D 230 14.02 40.45 35.10
N LYS D 231 15.04 41.30 35.15
CA LYS D 231 14.91 42.74 35.39
C LYS D 231 14.52 43.50 34.12
N ARG D 232 14.77 42.93 32.92
CA ARG D 232 14.43 43.56 31.63
C ARG D 232 12.93 43.39 31.29
N ASP D 233 12.36 44.27 30.43
CA ASP D 233 10.97 44.17 29.98
C ASP D 233 10.91 42.94 29.09
N HIS D 234 10.15 41.93 29.51
CA HIS D 234 10.16 40.65 28.83
C HIS D 234 8.81 39.96 28.78
N MET D 235 8.78 38.77 28.16
CA MET D 235 7.63 37.91 28.07
C MET D 235 8.05 36.48 27.87
N VAL D 236 7.62 35.60 28.76
CA VAL D 236 7.81 34.16 28.61
C VAL D 236 6.48 33.72 27.96
N LEU D 237 6.58 33.04 26.84
CA LEU D 237 5.43 32.59 26.04
C LEU D 237 5.47 31.08 25.80
N LEU D 238 4.31 30.45 26.05
CA LEU D 238 4.08 29.04 25.83
C LEU D 238 2.89 28.89 24.86
N GLU D 239 3.08 28.12 23.78
CA GLU D 239 2.00 27.92 22.80
C GLU D 239 1.80 26.47 22.45
N PHE D 240 0.54 26.11 22.22
CA PHE D 240 0.09 24.82 21.77
C PHE D 240 -0.74 25.06 20.51
N VAL D 241 -0.30 24.48 19.38
CA VAL D 241 -0.94 24.68 18.08
C VAL D 241 -1.20 23.34 17.36
N THR D 242 -2.41 23.17 16.86
CA THR D 242 -2.79 21.98 16.12
C THR D 242 -3.59 22.35 14.86
N ALA D 243 -3.28 21.71 13.74
CA ALA D 243 -4.04 21.89 12.52
C ALA D 243 -5.24 20.94 12.56
N ALA D 244 -6.39 21.38 12.03
CA ALA D 244 -7.63 20.61 11.94
C ALA D 244 -8.50 21.17 10.82
N GLY D 245 -9.69 20.58 10.60
CA GLY D 245 -10.64 21.07 9.60
C GLY D 245 -10.71 20.33 8.28
N ILE D 246 -9.94 19.21 8.14
CA ILE D 246 -9.91 18.34 6.96
C ILE D 246 -10.07 16.88 7.42
C ACT E . -18.61 -12.39 1.44
O ACT E . -18.34 -13.61 1.21
OXT ACT E . -18.09 -11.75 2.42
CH3 ACT E . -19.65 -11.69 0.48
#